data_7WY8
#
_entry.id   7WY8
#
loop_
_entity.id
_entity.type
_entity.pdbx_description
1 polymer 'Isoform 3 of Adhesion G protein-coupled receptor L3'
2 polymer 'Guanine nucleotide-binding protein G(I)/G(S)/G(O) subunit gamma-2'
3 polymer 'engineered mini G alpha s subunit'
4 polymer NB35
5 polymer 'Guanine nucleotide-binding protein G(I)/G(S)/G(T) subunit beta-1'
#
loop_
_entity_poly.entity_id
_entity_poly.type
_entity_poly.pdbx_seq_one_letter_code
_entity_poly.pdbx_strand_id
1 'polypeptide(L)'
;MWPPQLLILTMLLAPVVHGGKHNERHPALAAPLRHAERSPGGALPPRHLLQQPAAERSTAHRGQGPRGAARGVRGPGAPG
AQIAAQAFSRAPIPMAVVRRELSCESYPIELRCPGTDVIMIESANYGRTDDKICDSDPAQMENIRCYLPDAYKIMSQRCN
NRTQCAVVAGPDVFPDPCPGTYKYLEVQYECVPYKVEQKVFLCPGLLKGVYQSEHLFESDHQSGAWCKDPLQASDKIYYM
PWTPYRTDTLTEYSSKDDFIAGRPTTTYKLPHRVDGTGFVVYDGALFFNKERTRNIVKFDLRTRIKSGEAIIANANYHDT
SPYRWGGKSDIDLAVDENGLWVIYATEQNNGKIVISQLNPYTLRIEGTWDTAYDKRSASNAFMICGILYVVKSVYEDDDN
EATGNKIDYIYNTDQSKDSLVDVPFPNSYQYIAAVDYNPRDNLLYVWNNYHVVKYSLDFGPLDSRSGPVHHGQVSYISPP
IHLDSELERPPVRGISTTGSLGMGSTTTSTTLRTTTWNIGRSTTASLPGRRNRSTSTPSPAVEVLDDVTTHLPSAASQIP
AMEESCEAVEAREIMWFKTRQGQVAKQPCPAGTIGVSTYLCLAPDGIWDPQGPDLSNCSSPWVNHITQKLKSGETAANIA
RELAEQTRNHLNAGDITYSVRAMDQLVGLLDVQLRNLTPGGKDSAARSLNKLQKRERSCRAYVQAMVETVNNLLQPQALN
AWRDLTTSDQLRAATMLLDTVEESAFVLADNLLKTDIVRENTDNIQLEVARLSTEGNLEDLKFPENMGHGSTIQLSANTL
KQNGRNGEIRVAFVLYNNLGPYLSTENASMKLGTEAMSTNHSVIVNSPVITAAINKEFSNKVYLADPVVFTVKHIKQSEE
NFNPNCSFWSYSKRTMTGYWSTQGCRLLTTNKTHTTCSCNHLTNFAVLMAHVEVKHSDAVHDLLLDVITWVGILLSLVCL
LICIFTFCFFRGLQSDRNTIHKNLCISLFVAELLFLIGINRTDQPIACAVFAALLHFFFLAAFTWMFLEGVQLYIMLVEV
FESEHSRRKYFYLVGYGMPALIVAVSAAVDYRSYGTDKVCWLRLDTYFIWSFIGPATLIIMLNVIFLGIALYKMFHHTAI
LKPESGCLDNINYEDNRPFIKSWVIGAIALLCLLGLTWAFGLMYINESTVIMAYLFTIFNSLQGMFIFIFHCVLQKKVRK
EYGKCLRTHCCSGKSTESSIGSGKTSGSRTPGRYSTGSQSRIRRMWNDTVRKQSESSFITGDINSSASLNREPYRETKGL
LNNARDTSVMDTLPLNGNHGNSYSIAGGEYLSNCVQIIDRGYNHNETALEKKILKELTSNYIPSYLNNHERSSEQNRNMM
NKLVNNLGSGSEDDAIVLDDAASFNHEESLGLELIHEESDAPLLPPRVYSTDNHQPHHYSRRRFPQDHSESFFPLLTDEH
TEDLQSPHRDSLYTSMPALAGVPAADSVTTSTQTEAAAAKGGDAEDVYYKSMPNLGSRNHVHPLHAYYQLGRGSSDGFIV
PPNKDGASPEGTSKGPAHLVTSL
;
R
2 'polypeptide(L)' MASNNTASIAQARKLVEQLKMEANIDRIKVSKAAADLMAYCEAHAKEDPLLTPVPASENPFREKKFFCAIL C
3 'polypeptide(L)'
;MGCTLSAEDKAAVERSKMIEKQLQKDKQVYRATHRLLLLGADNSGKSTIVKQMRIYHVNGYSEEECKQYKAVVYSNTIQS
IIAIIRAMGRLKIDFGDSARADDARQLFVLAGAAEEGFMTAELAGVIKRLWKDSGVQACFNRSREYQLNDSAAYYLNDLD
RIAQPNYIPTQQDVLRTRVKTSGIFETKFQVDKVNFHMFDVGAQRDERRKWIQCFNDVTAIIFVVDSSDYNRLQEALNDF
KSIWNNRWLRTISVILFLNKQDLLAEKVLAGKSKIEDYFPEFARYTTPEDATPEPGEDPRVTRAKYFIRDEFLRISTASG
DGRHYCYPHFTCSVDTENARRIFNDCRDIIQRMHLRQYELL
;
A
4 'polypeptide(L)'
;MKYLLPTAAAGLLLLAAQPAMAQVQLQESGGGLVQPGGSLRLSCAASGFTFSNYKMNWVRQAPGKGLEWVSDISQSGASI
SYTGSVKGRFTISRDNAKNTLYLQMNSLKPEDTAVYYCARCPAPFTRDCFDVTSTTYAYRGQGTQVTVSSAAALEHHHHH
H
;
D
5 'polypeptide(L)'
;MGSLLQSELDQLRQEAEQLKNQIRDARKACADATLSQITNNIDPVGRIQMRTRRTLRGHLAKIYAMHWGTDSRLLVSASQ
DGKLIIWDSYTTNKVHAIPLRSSWVMTCAYAPSGNYVACGGLDNICSIYNLKTREGNVRVSRELAGHTGYLSCCRFLDDN
QIVTSSGDTTCALWDIETGQQTTTFTGHTGDVMSLSLAPDTRLFVSGACDASAKLWDVREGMCRQTFTGHESDINAICFF
PNGNAFATGSDDATCRLFDLRADQELMTYSHDNIICGITSVSFSKSGRLLLAGYDDFNCNVWDALKADRAGVLAGHDNRV
SCLGVTDDGMAVATGSWDSFLKIWN
;
B
#
# COMPACT_ATOMS: atom_id res chain seq x y z
N THR A 923 2.48 51.88 24.36
CA THR A 923 2.92 52.51 23.13
C THR A 923 3.76 51.54 22.31
N ASN A 924 4.34 50.55 22.98
CA ASN A 924 5.13 49.53 22.31
C ASN A 924 4.62 48.16 22.73
N PHE A 925 5.35 47.10 22.37
CA PHE A 925 4.90 45.74 22.60
C PHE A 925 5.36 45.16 23.93
N ALA A 926 6.28 45.80 24.64
CA ALA A 926 6.83 45.20 25.84
C ALA A 926 5.88 45.28 27.03
N VAL A 927 4.99 46.28 27.05
CA VAL A 927 4.18 46.55 28.23
C VAL A 927 3.24 45.39 28.58
N LEU A 928 3.16 44.38 27.70
CA LEU A 928 2.37 43.20 28.03
C LEU A 928 3.02 42.39 29.14
N MET A 929 4.34 42.27 29.15
CA MET A 929 5.07 41.56 30.18
C MET A 929 5.92 42.48 31.04
N ALA A 930 5.93 43.77 30.74
CA ALA A 930 6.76 44.72 31.48
C ALA A 930 6.12 44.97 32.84
N HIS A 931 6.74 44.42 33.88
CA HIS A 931 6.25 44.59 35.24
C HIS A 931 6.92 45.75 35.97
N VAL A 932 7.80 46.50 35.30
CA VAL A 932 8.53 47.60 35.92
C VAL A 932 7.77 48.88 35.64
N GLU A 933 7.17 49.45 36.68
CA GLU A 933 6.39 50.68 36.55
C GLU A 933 7.20 51.93 36.81
N VAL A 934 8.47 51.79 37.18
CA VAL A 934 9.32 52.94 37.45
C VAL A 934 10.20 53.18 36.23
N LYS A 935 9.76 52.70 35.08
CA LYS A 935 10.47 52.90 33.83
C LYS A 935 10.54 54.39 33.51
N HIS A 936 11.75 54.96 33.54
CA HIS A 936 11.97 56.38 33.27
C HIS A 936 13.12 56.48 32.27
N SER A 937 12.79 56.83 31.03
CA SER A 937 13.76 56.89 29.95
C SER A 937 14.43 58.26 29.90
N ASP A 938 15.59 58.30 29.24
CA ASP A 938 16.31 59.55 29.03
C ASP A 938 16.93 59.65 27.65
N ALA A 939 16.37 59.00 26.64
CA ALA A 939 16.98 58.97 25.32
C ALA A 939 15.93 58.86 24.22
N VAL A 940 16.36 58.47 23.03
CA VAL A 940 15.47 58.34 21.87
C VAL A 940 15.10 56.88 21.60
N HIS A 941 15.16 56.03 22.63
CA HIS A 941 14.79 54.63 22.44
C HIS A 941 13.32 54.47 22.11
N ASP A 942 12.47 55.39 22.57
CA ASP A 942 11.03 55.23 22.46
C ASP A 942 10.56 55.17 21.01
N LEU A 943 11.04 56.08 20.16
CA LEU A 943 10.60 56.08 18.77
C LEU A 943 11.04 54.81 18.06
N LEU A 944 12.29 54.39 18.29
CA LEU A 944 12.80 53.16 17.70
C LEU A 944 11.94 51.97 18.09
N LEU A 945 11.65 51.84 19.38
CA LEU A 945 10.84 50.72 19.85
C LEU A 945 9.43 50.77 19.27
N ASP A 946 8.82 51.96 19.21
CA ASP A 946 7.48 52.06 18.68
C ASP A 946 7.43 51.62 17.22
N VAL A 947 8.38 52.08 16.41
CA VAL A 947 8.37 51.68 15.01
C VAL A 947 8.62 50.19 14.87
N ILE A 948 9.53 49.65 15.68
CA ILE A 948 9.81 48.20 15.62
C ILE A 948 8.55 47.41 15.94
N THR A 949 7.82 47.80 16.99
CA THR A 949 6.61 47.08 17.38
C THR A 949 5.53 47.19 16.31
N TRP A 950 5.32 48.39 15.76
CA TRP A 950 4.31 48.56 14.72
C TRP A 950 4.64 47.71 13.50
N VAL A 951 5.90 47.72 13.07
CA VAL A 951 6.26 46.91 11.90
C VAL A 951 6.09 45.44 12.20
N GLY A 952 6.49 45.01 13.40
CA GLY A 952 6.37 43.60 13.74
C GLY A 952 4.92 43.12 13.75
N ILE A 953 4.02 43.90 14.35
CA ILE A 953 2.63 43.49 14.40
C ILE A 953 1.99 43.57 13.03
N LEU A 954 2.21 44.66 12.29
CA LEU A 954 1.48 44.85 11.05
C LEU A 954 2.03 43.99 9.93
N LEU A 955 3.26 43.50 10.05
CA LEU A 955 3.74 42.53 9.07
C LEU A 955 3.12 41.17 9.31
N SER A 956 2.77 40.89 10.56
CA SER A 956 1.82 39.84 10.88
C SER A 956 0.44 40.34 10.44
N LEU A 957 -0.61 39.59 10.76
CA LEU A 957 -1.97 39.90 10.31
C LEU A 957 -2.12 39.82 8.80
N VAL A 958 -1.07 39.37 8.11
CA VAL A 958 -1.14 39.03 6.71
C VAL A 958 -0.82 37.54 6.59
N CYS A 959 0.19 37.10 7.34
CA CYS A 959 0.55 35.69 7.35
C CYS A 959 -0.43 34.86 8.16
N LEU A 960 -1.02 35.43 9.22
CA LEU A 960 -1.96 34.67 10.03
C LEU A 960 -3.20 34.29 9.25
N LEU A 961 -3.69 35.16 8.36
CA LEU A 961 -4.79 34.78 7.48
C LEU A 961 -4.40 33.60 6.60
N ILE A 962 -3.17 33.60 6.08
CA ILE A 962 -2.74 32.51 5.22
C ILE A 962 -2.73 31.20 6.01
N CYS A 963 -2.23 31.25 7.23
CA CYS A 963 -2.21 30.06 8.06
C CYS A 963 -3.62 29.56 8.37
N ILE A 964 -4.55 30.49 8.66
CA ILE A 964 -5.92 30.07 8.97
C ILE A 964 -6.58 29.46 7.75
N PHE A 965 -6.33 30.02 6.57
CA PHE A 965 -6.92 29.48 5.35
C PHE A 965 -6.35 28.10 5.02
N THR A 966 -5.04 27.92 5.17
CA THR A 966 -4.44 26.63 4.84
C THR A 966 -4.94 25.53 5.78
N PHE A 967 -5.15 25.85 7.04
CA PHE A 967 -5.53 24.86 8.03
C PHE A 967 -7.02 24.60 8.09
N CYS A 968 -7.85 25.42 7.43
CA CYS A 968 -9.30 25.30 7.54
C CYS A 968 -9.96 24.60 6.36
N PHE A 969 -9.53 24.87 5.14
CA PHE A 969 -10.25 24.40 3.96
C PHE A 969 -9.49 23.34 3.17
N PHE A 970 -8.56 22.63 3.81
CA PHE A 970 -7.82 21.54 3.18
C PHE A 970 -8.15 20.25 3.91
N ARG A 971 -8.66 19.26 3.17
CA ARG A 971 -9.16 18.04 3.79
C ARG A 971 -8.05 17.07 4.17
N GLY A 972 -6.89 17.18 3.53
CA GLY A 972 -5.84 16.21 3.79
C GLY A 972 -5.02 16.48 5.03
N LEU A 973 -5.19 17.63 5.67
CA LEU A 973 -4.37 18.01 6.82
C LEU A 973 -5.07 17.80 8.15
N GLN A 974 -6.25 17.19 8.18
CA GLN A 974 -7.01 17.12 9.41
C GLN A 974 -6.38 16.15 10.39
N SER A 975 -6.24 16.60 11.64
CA SER A 975 -5.63 15.87 12.74
C SER A 975 -5.76 16.74 13.98
N ASP A 976 -5.24 16.25 15.10
CA ASP A 976 -5.30 17.05 16.32
C ASP A 976 -4.32 18.22 16.27
N ARG A 977 -3.15 18.03 15.69
CA ARG A 977 -2.19 19.12 15.57
C ARG A 977 -2.75 20.25 14.72
N ASN A 978 -3.50 19.90 13.68
CA ASN A 978 -4.12 20.94 12.86
C ASN A 978 -5.12 21.75 13.67
N THR A 979 -5.90 21.08 14.51
CA THR A 979 -6.80 21.78 15.43
C THR A 979 -6.04 22.78 16.28
N ILE A 980 -4.94 22.34 16.90
CA ILE A 980 -4.21 23.23 17.79
C ILE A 980 -3.66 24.42 17.03
N HIS A 981 -3.04 24.18 15.88
CA HIS A 981 -2.47 25.28 15.10
C HIS A 981 -3.53 26.28 14.68
N LYS A 982 -4.68 25.78 14.22
CA LYS A 982 -5.74 26.64 13.75
C LYS A 982 -6.24 27.57 14.85
N ASN A 983 -6.55 27.00 16.01
CA ASN A 983 -7.04 27.82 17.09
C ASN A 983 -6.00 28.82 17.59
N LEU A 984 -4.72 28.42 17.62
CA LEU A 984 -3.67 29.34 18.01
C LEU A 984 -3.60 30.54 17.07
N CYS A 985 -3.67 30.30 15.76
CA CYS A 985 -3.65 31.40 14.81
C CYS A 985 -4.84 32.33 15.00
N ILE A 986 -6.04 31.77 15.18
CA ILE A 986 -7.21 32.63 15.40
C ILE A 986 -7.01 33.53 16.61
N SER A 987 -6.51 32.94 17.71
CA SER A 987 -6.33 33.73 18.93
C SER A 987 -5.36 34.88 18.71
N LEU A 988 -4.21 34.61 18.09
CA LEU A 988 -3.24 35.69 17.88
C LEU A 988 -3.81 36.77 16.95
N PHE A 989 -4.51 36.36 15.91
CA PHE A 989 -5.08 37.33 14.96
C PHE A 989 -6.01 38.30 15.66
N VAL A 990 -6.97 37.76 16.41
CA VAL A 990 -7.93 38.63 17.09
C VAL A 990 -7.23 39.53 18.10
N ALA A 991 -6.30 38.97 18.88
CA ALA A 991 -5.64 39.78 19.91
C ALA A 991 -4.88 40.95 19.30
N GLU A 992 -4.13 40.71 18.23
CA GLU A 992 -3.31 41.79 17.69
C GLU A 992 -4.16 42.80 16.91
N LEU A 993 -5.25 42.35 16.30
CA LEU A 993 -6.17 43.30 15.68
C LEU A 993 -6.77 44.24 16.71
N LEU A 994 -7.20 43.71 17.86
CA LEU A 994 -7.68 44.60 18.91
C LEU A 994 -6.58 45.52 19.41
N PHE A 995 -5.36 45.00 19.54
CA PHE A 995 -4.24 45.79 20.05
C PHE A 995 -3.98 47.01 19.17
N LEU A 996 -3.94 46.81 17.85
CA LEU A 996 -3.64 47.95 16.97
C LEU A 996 -4.77 48.96 16.87
N ILE A 997 -5.96 48.66 17.38
CA ILE A 997 -7.12 49.53 17.23
C ILE A 997 -7.42 50.29 18.50
N GLY A 998 -7.38 49.62 19.65
CA GLY A 998 -7.86 50.30 20.84
C GLY A 998 -6.93 50.38 22.04
N ILE A 999 -5.62 50.34 21.83
CA ILE A 999 -4.72 50.31 22.97
C ILE A 999 -4.67 51.65 23.68
N ASN A 1000 -4.60 52.75 22.93
CA ASN A 1000 -4.32 54.07 23.49
C ASN A 1000 -5.53 54.99 23.52
N ARG A 1001 -6.74 54.44 23.41
CA ARG A 1001 -7.95 55.26 23.55
C ARG A 1001 -8.25 55.43 25.04
N THR A 1002 -7.55 56.36 25.66
CA THR A 1002 -7.70 56.64 27.08
C THR A 1002 -8.59 57.83 27.35
N ASP A 1003 -9.32 58.32 26.35
CA ASP A 1003 -10.17 59.50 26.51
C ASP A 1003 -11.61 59.15 26.84
N GLN A 1004 -11.96 57.86 26.88
CA GLN A 1004 -13.33 57.42 27.08
C GLN A 1004 -13.37 56.52 28.31
N PRO A 1005 -13.70 57.08 29.47
CA PRO A 1005 -13.48 56.36 30.74
C PRO A 1005 -14.16 55.02 30.85
N ILE A 1006 -15.36 54.86 30.30
CA ILE A 1006 -16.10 53.61 30.45
C ILE A 1006 -16.20 52.85 29.13
N ALA A 1007 -15.42 53.25 28.13
CA ALA A 1007 -15.42 52.58 26.84
C ALA A 1007 -14.17 51.74 26.60
N CYS A 1008 -13.00 52.17 27.07
CA CYS A 1008 -11.82 51.34 26.87
C CYS A 1008 -11.62 50.32 27.98
N ALA A 1009 -12.35 50.45 29.09
CA ALA A 1009 -12.28 49.44 30.14
C ALA A 1009 -12.53 48.04 29.57
N VAL A 1010 -13.55 47.89 28.72
CA VAL A 1010 -13.83 46.59 28.13
C VAL A 1010 -12.63 46.08 27.34
N PHE A 1011 -11.91 46.96 26.63
CA PHE A 1011 -10.70 46.50 25.96
C PHE A 1011 -9.72 45.87 26.93
N ALA A 1012 -9.51 46.50 28.09
CA ALA A 1012 -8.56 45.96 29.05
C ALA A 1012 -8.91 44.54 29.44
N ALA A 1013 -10.18 44.16 29.29
CA ALA A 1013 -10.55 42.78 29.50
C ALA A 1013 -10.25 41.94 28.27
N LEU A 1014 -10.82 42.32 27.12
CA LEU A 1014 -10.82 41.42 25.98
C LEU A 1014 -9.42 41.01 25.59
N LEU A 1015 -8.53 41.98 25.36
CA LEU A 1015 -7.14 41.67 25.09
C LEU A 1015 -6.61 40.62 26.05
N HIS A 1016 -6.67 40.90 27.36
CA HIS A 1016 -6.25 39.95 28.36
C HIS A 1016 -6.72 38.55 28.02
N PHE A 1017 -8.04 38.38 27.95
CA PHE A 1017 -8.59 37.04 27.73
C PHE A 1017 -7.96 36.40 26.52
N PHE A 1018 -7.99 37.11 25.39
CA PHE A 1018 -7.51 36.48 24.18
C PHE A 1018 -6.03 36.14 24.27
N PHE A 1019 -5.21 37.02 24.85
CA PHE A 1019 -3.80 36.68 24.97
C PHE A 1019 -3.62 35.42 25.79
N LEU A 1020 -4.36 35.28 26.89
CA LEU A 1020 -4.24 34.06 27.66
C LEU A 1020 -4.50 32.84 26.80
N ALA A 1021 -5.57 32.89 26.00
CA ALA A 1021 -5.90 31.75 25.17
C ALA A 1021 -4.70 31.34 24.33
N ALA A 1022 -4.01 32.33 23.75
CA ALA A 1022 -2.81 32.04 22.99
C ALA A 1022 -1.88 31.08 23.74
N PHE A 1023 -1.41 31.49 24.92
CA PHE A 1023 -0.46 30.65 25.64
C PHE A 1023 -1.05 29.28 25.92
N THR A 1024 -2.32 29.22 26.32
CA THR A 1024 -2.89 27.91 26.64
C THR A 1024 -2.79 26.99 25.44
N TRP A 1025 -3.12 27.51 24.26
CA TRP A 1025 -3.02 26.66 23.08
C TRP A 1025 -1.59 26.20 22.85
N MET A 1026 -0.61 27.09 23.03
CA MET A 1026 0.79 26.68 22.92
C MET A 1026 1.11 25.55 23.89
N PHE A 1027 0.62 25.64 25.12
CA PHE A 1027 0.84 24.59 26.10
C PHE A 1027 0.38 23.25 25.56
N LEU A 1028 -0.80 23.21 24.94
CA LEU A 1028 -1.33 21.93 24.48
C LEU A 1028 -0.42 21.32 23.43
N GLU A 1029 0.26 22.15 22.63
CA GLU A 1029 1.18 21.62 21.64
C GLU A 1029 2.25 20.78 22.30
N GLY A 1030 2.80 21.24 23.43
CA GLY A 1030 3.76 20.44 24.16
C GLY A 1030 3.19 19.09 24.58
N VAL A 1031 1.93 19.08 25.03
CA VAL A 1031 1.32 17.81 25.42
C VAL A 1031 1.22 16.88 24.22
N GLN A 1032 0.92 17.43 23.04
CA GLN A 1032 0.83 16.58 21.85
C GLN A 1032 2.16 15.94 21.54
N LEU A 1033 3.25 16.53 22.03
CA LEU A 1033 4.57 15.93 21.89
C LEU A 1033 4.67 14.66 22.73
N TYR A 1034 4.28 14.76 24.00
CA TYR A 1034 4.43 13.66 24.94
C TYR A 1034 3.70 12.41 24.46
N ILE A 1035 2.42 12.55 24.12
CA ILE A 1035 1.62 11.40 23.72
C ILE A 1035 2.01 10.84 22.36
N MET A 1036 3.00 11.39 21.68
CA MET A 1036 3.48 10.71 20.49
C MET A 1036 4.87 10.13 20.66
N LEU A 1037 5.51 10.32 21.81
CA LEU A 1037 6.86 9.82 22.03
C LEU A 1037 7.06 9.15 23.38
N VAL A 1038 6.05 9.14 24.24
CA VAL A 1038 6.12 8.42 25.52
C VAL A 1038 4.98 7.43 25.67
N GLU A 1039 3.74 7.85 25.40
CA GLU A 1039 2.60 6.95 25.29
C GLU A 1039 2.34 6.78 23.80
N VAL A 1040 2.97 5.78 23.20
CA VAL A 1040 3.10 5.76 21.75
C VAL A 1040 1.83 5.27 21.08
N PHE A 1041 1.03 4.46 21.77
CA PHE A 1041 -0.11 3.79 21.14
C PHE A 1041 -1.36 4.64 21.17
N GLU A 1042 -2.20 4.48 20.14
CA GLU A 1042 -3.43 5.24 20.03
C GLU A 1042 -4.48 4.75 21.02
N SER A 1043 -5.40 5.64 21.37
CA SER A 1043 -6.49 5.28 22.26
C SER A 1043 -7.77 5.04 21.48
N GLU A 1044 -8.73 4.37 22.11
CA GLU A 1044 -9.99 4.07 21.44
C GLU A 1044 -10.97 5.23 21.47
N HIS A 1045 -10.75 6.23 22.32
CA HIS A 1045 -11.69 7.31 22.55
C HIS A 1045 -11.06 8.64 22.19
N SER A 1046 -11.85 9.54 21.59
CA SER A 1046 -11.33 10.82 21.16
C SER A 1046 -11.24 11.79 22.33
N ARG A 1047 -10.38 12.80 22.18
CA ARG A 1047 -10.14 13.80 23.22
C ARG A 1047 -10.28 15.22 22.71
N ARG A 1048 -10.98 15.43 21.60
CA ARG A 1048 -11.10 16.76 21.02
C ARG A 1048 -11.86 17.71 21.93
N LYS A 1049 -12.92 17.22 22.58
CA LYS A 1049 -13.70 18.04 23.49
C LYS A 1049 -12.88 18.51 24.69
N TYR A 1050 -12.02 17.66 25.24
CA TYR A 1050 -11.14 18.11 26.33
C TYR A 1050 -10.17 19.18 25.85
N PHE A 1051 -9.67 19.06 24.62
CA PHE A 1051 -8.80 20.09 24.08
C PHE A 1051 -9.51 21.44 23.99
N TYR A 1052 -10.75 21.45 23.50
CA TYR A 1052 -11.46 22.72 23.47
C TYR A 1052 -11.85 23.21 24.85
N LEU A 1053 -12.04 22.28 25.79
CA LEU A 1053 -12.44 22.68 27.15
C LEU A 1053 -11.27 23.28 27.92
N VAL A 1054 -10.05 22.88 27.59
CA VAL A 1054 -8.89 23.49 28.25
C VAL A 1054 -8.40 24.70 27.47
N GLY A 1055 -8.61 24.72 26.15
CA GLY A 1055 -8.15 25.83 25.34
C GLY A 1055 -8.84 27.14 25.68
N TYR A 1056 -10.17 27.10 25.83
CA TYR A 1056 -10.93 28.30 26.15
C TYR A 1056 -11.57 28.30 27.52
N GLY A 1057 -11.52 27.17 28.25
CA GLY A 1057 -12.12 27.14 29.58
C GLY A 1057 -11.29 27.89 30.61
N MET A 1058 -10.02 27.54 30.74
CA MET A 1058 -9.16 28.17 31.75
C MET A 1058 -9.01 29.67 31.56
N PRO A 1059 -8.82 30.20 30.35
CA PRO A 1059 -8.83 31.67 30.22
C PRO A 1059 -10.11 32.30 30.75
N ALA A 1060 -11.24 31.67 30.47
CA ALA A 1060 -12.51 32.19 30.97
C ALA A 1060 -12.57 32.16 32.48
N LEU A 1061 -12.14 31.05 33.09
CA LEU A 1061 -12.21 30.97 34.55
C LEU A 1061 -11.29 32.01 35.19
N ILE A 1062 -10.07 32.17 34.65
CA ILE A 1062 -9.14 33.13 35.22
C ILE A 1062 -9.68 34.54 35.09
N VAL A 1063 -10.20 34.90 33.91
CA VAL A 1063 -10.69 36.27 33.73
C VAL A 1063 -11.89 36.53 34.63
N ALA A 1064 -12.78 35.54 34.78
CA ALA A 1064 -13.96 35.73 35.61
C ALA A 1064 -13.60 35.92 37.08
N VAL A 1065 -12.79 35.00 37.63
CA VAL A 1065 -12.41 35.12 39.04
C VAL A 1065 -11.58 36.38 39.26
N SER A 1066 -10.69 36.68 38.33
CA SER A 1066 -9.82 37.84 38.44
C SER A 1066 -10.61 39.14 38.46
N ALA A 1067 -11.66 39.23 37.63
CA ALA A 1067 -12.51 40.40 37.66
C ALA A 1067 -13.37 40.42 38.91
N ALA A 1068 -13.76 39.25 39.42
CA ALA A 1068 -14.56 39.21 40.64
C ALA A 1068 -13.78 39.77 41.82
N VAL A 1069 -12.50 39.45 41.92
CA VAL A 1069 -11.70 39.96 43.04
C VAL A 1069 -11.51 41.47 42.92
N ASP A 1070 -11.50 41.99 41.71
CA ASP A 1070 -11.27 43.42 41.46
C ASP A 1070 -11.86 43.75 40.10
N TYR A 1071 -12.91 44.56 40.08
CA TYR A 1071 -13.61 44.89 38.84
C TYR A 1071 -13.37 46.32 38.37
N ARG A 1072 -12.46 47.05 39.02
CA ARG A 1072 -12.19 48.45 38.69
C ARG A 1072 -10.76 48.68 38.21
N SER A 1073 -9.94 47.65 38.14
CA SER A 1073 -8.53 47.77 37.76
C SER A 1073 -8.30 47.59 36.27
N TYR A 1074 -9.35 47.42 35.47
CA TYR A 1074 -9.20 47.26 34.03
C TYR A 1074 -9.10 48.64 33.42
N GLY A 1075 -7.86 49.09 33.25
CA GLY A 1075 -7.61 50.37 32.62
C GLY A 1075 -6.97 51.38 33.53
N THR A 1076 -6.01 52.15 33.01
CA THR A 1076 -5.34 53.16 33.81
C THR A 1076 -5.24 54.47 33.05
N ASP A 1077 -4.52 55.44 33.61
CA ASP A 1077 -4.41 56.76 33.01
C ASP A 1077 -3.54 56.79 31.77
N LYS A 1078 -2.57 55.89 31.65
CA LYS A 1078 -1.63 55.92 30.54
C LYS A 1078 -2.12 55.11 29.34
N VAL A 1079 -2.34 53.82 29.53
CA VAL A 1079 -2.82 52.94 28.46
C VAL A 1079 -3.94 52.08 29.03
N CYS A 1080 -4.93 51.79 28.17
CA CYS A 1080 -6.09 51.01 28.58
C CYS A 1080 -5.70 49.53 28.57
N TRP A 1081 -4.80 49.20 29.49
CA TRP A 1081 -4.34 47.84 29.70
C TRP A 1081 -4.35 47.57 31.20
N LEU A 1082 -4.04 46.33 31.56
CA LEU A 1082 -4.08 45.92 32.96
C LEU A 1082 -3.08 46.75 33.76
N ARG A 1083 -3.48 47.15 34.98
CA ARG A 1083 -2.71 48.13 35.74
C ARG A 1083 -1.41 47.54 36.28
N LEU A 1084 -0.56 48.43 36.80
CA LEU A 1084 0.73 48.05 37.35
C LEU A 1084 0.92 48.44 38.81
N ASP A 1085 0.30 49.54 39.26
CA ASP A 1085 0.58 50.07 40.60
C ASP A 1085 0.10 49.14 41.70
N THR A 1086 -0.79 48.22 41.38
CA THR A 1086 -1.13 47.12 42.27
C THR A 1086 -0.54 45.83 41.69
N TYR A 1087 -0.61 44.75 42.47
CA TYR A 1087 -0.03 43.48 42.06
C TYR A 1087 -0.97 42.71 41.14
N PHE A 1088 -1.96 43.38 40.56
CA PHE A 1088 -2.98 42.68 39.77
C PHE A 1088 -2.42 42.27 38.42
N ILE A 1089 -1.31 42.89 37.99
CA ILE A 1089 -0.63 42.51 36.77
C ILE A 1089 -0.25 41.04 36.76
N TRP A 1090 0.00 40.46 37.94
CA TRP A 1090 0.36 39.06 38.04
C TRP A 1090 -0.76 38.13 37.58
N SER A 1091 -1.96 38.66 37.31
CA SER A 1091 -3.00 37.82 36.72
C SER A 1091 -2.69 37.44 35.27
N PHE A 1092 -1.71 38.09 34.64
CA PHE A 1092 -1.22 37.67 33.33
C PHE A 1092 0.18 37.08 33.37
N ILE A 1093 1.12 37.79 33.99
CA ILE A 1093 2.51 37.33 34.03
C ILE A 1093 2.60 36.04 34.83
N GLY A 1094 1.83 35.92 35.90
CA GLY A 1094 1.87 34.78 36.78
C GLY A 1094 1.66 33.45 36.07
N PRO A 1095 0.46 33.24 35.51
CA PRO A 1095 0.22 32.01 34.75
C PRO A 1095 1.18 31.81 33.59
N ALA A 1096 1.49 32.87 32.84
CA ALA A 1096 2.27 32.73 31.61
C ALA A 1096 3.59 32.02 31.86
N THR A 1097 4.37 32.52 32.83
CA THR A 1097 5.65 31.89 33.15
C THR A 1097 5.48 30.40 33.39
N LEU A 1098 4.45 30.00 34.12
CA LEU A 1098 4.24 28.59 34.40
C LEU A 1098 4.21 27.78 33.11
N ILE A 1099 3.39 28.20 32.16
CA ILE A 1099 3.29 27.49 30.89
C ILE A 1099 4.67 27.32 30.29
N ILE A 1100 5.44 28.41 30.25
CA ILE A 1100 6.75 28.38 29.62
C ILE A 1100 7.59 27.26 30.22
N MET A 1101 7.65 27.21 31.55
CA MET A 1101 8.50 26.22 32.19
C MET A 1101 8.14 24.82 31.75
N LEU A 1102 6.83 24.50 31.71
CA LEU A 1102 6.43 23.15 31.35
C LEU A 1102 6.91 22.82 29.94
N ASN A 1103 6.75 23.74 29.00
CA ASN A 1103 7.18 23.45 27.65
C ASN A 1103 8.65 23.10 27.62
N VAL A 1104 9.46 23.79 28.42
CA VAL A 1104 10.89 23.51 28.45
C VAL A 1104 11.12 22.04 28.74
N ILE A 1105 10.44 21.52 29.76
CA ILE A 1105 10.61 20.11 30.10
C ILE A 1105 10.31 19.24 28.89
N PHE A 1106 9.15 19.47 28.27
CA PHE A 1106 8.78 18.65 27.13
C PHE A 1106 9.81 18.77 26.02
N LEU A 1107 10.33 19.99 25.81
CA LEU A 1107 11.32 20.19 24.77
C LEU A 1107 12.49 19.26 24.95
N GLY A 1108 12.97 19.12 26.19
CA GLY A 1108 14.11 18.24 26.45
C GLY A 1108 13.86 16.84 25.95
N ILE A 1109 12.66 16.30 26.20
CA ILE A 1109 12.35 14.96 25.75
C ILE A 1109 12.54 14.86 24.24
N ALA A 1110 11.94 15.80 23.50
CA ALA A 1110 12.08 15.78 22.05
C ALA A 1110 13.55 15.80 21.65
N LEU A 1111 14.35 16.58 22.37
CA LEU A 1111 15.77 16.65 22.04
C LEU A 1111 16.51 15.37 22.38
N TYR A 1112 16.15 14.72 23.49
CA TYR A 1112 16.91 13.55 23.94
C TYR A 1112 16.80 12.42 22.92
N LYS A 1113 15.83 12.52 22.02
CA LYS A 1113 15.57 11.42 21.06
C LYS A 1113 15.92 11.81 19.63
N MET A 1114 16.53 12.96 19.43
CA MET A 1114 16.90 13.33 18.04
C MET A 1114 18.42 13.16 17.86
N PHE A 1115 19.23 13.39 18.91
CA PHE A 1115 20.67 13.16 18.72
C PHE A 1115 21.13 11.81 19.23
N HIS A 1116 20.24 10.97 19.74
CA HIS A 1116 20.61 9.70 20.33
C HIS A 1116 20.15 8.50 19.54
N HIS A 1117 18.92 8.54 19.04
CA HIS A 1117 18.36 7.44 18.26
C HIS A 1117 18.57 7.63 16.76
N THR A 1118 19.11 8.77 16.35
CA THR A 1118 19.35 9.06 14.94
C THR A 1118 20.30 10.24 14.77
N TRP A 1143 18.45 18.62 12.24
CA TRP A 1143 18.45 18.76 13.70
C TRP A 1143 18.28 20.22 14.11
N VAL A 1144 18.79 21.14 13.30
CA VAL A 1144 18.62 22.57 13.58
C VAL A 1144 17.20 23.00 13.25
N ILE A 1145 16.71 22.62 12.08
CA ILE A 1145 15.42 23.09 11.60
C ILE A 1145 14.30 22.66 12.55
N GLY A 1146 14.25 21.39 12.91
CA GLY A 1146 13.19 20.89 13.76
C GLY A 1146 13.20 21.47 15.16
N ALA A 1147 14.38 21.50 15.78
CA ALA A 1147 14.48 22.05 17.14
C ALA A 1147 14.13 23.53 17.15
N ILE A 1148 14.46 24.26 16.08
CA ILE A 1148 14.07 25.66 16.02
C ILE A 1148 12.57 25.80 15.81
N ALA A 1149 11.99 24.97 14.93
CA ALA A 1149 10.55 25.05 14.66
C ALA A 1149 9.75 24.75 15.90
N LEU A 1150 10.30 23.95 16.81
CA LEU A 1150 9.61 23.73 18.08
C LEU A 1150 9.63 24.96 18.97
N LEU A 1151 10.68 25.77 18.90
CA LEU A 1151 10.76 26.99 19.71
C LEU A 1151 9.81 28.08 19.25
N CYS A 1152 9.34 28.04 18.00
CA CYS A 1152 8.42 29.05 17.50
C CYS A 1152 6.99 28.83 17.96
N LEU A 1153 6.64 27.63 18.44
CA LEU A 1153 5.32 27.37 18.99
C LEU A 1153 5.29 27.30 20.51
N LEU A 1154 6.35 26.80 21.13
CA LEU A 1154 6.51 26.90 22.58
C LEU A 1154 7.16 28.24 22.87
N GLY A 1155 6.37 29.20 23.33
CA GLY A 1155 6.83 30.58 23.39
C GLY A 1155 7.83 30.83 24.50
N LEU A 1156 9.03 30.30 24.34
CA LEU A 1156 10.07 30.45 25.35
C LEU A 1156 10.78 31.80 25.27
N THR A 1157 10.54 32.57 24.22
CA THR A 1157 11.17 33.87 24.06
C THR A 1157 10.59 34.94 24.99
N TRP A 1158 9.37 34.74 25.49
CA TRP A 1158 8.70 35.77 26.26
C TRP A 1158 9.45 36.16 27.52
N ALA A 1159 10.28 35.25 28.06
CA ALA A 1159 11.06 35.58 29.23
C ALA A 1159 11.99 36.77 29.00
N PHE A 1160 12.34 37.06 27.74
CA PHE A 1160 13.14 38.24 27.45
C PHE A 1160 12.50 39.50 28.05
N GLY A 1161 11.17 39.57 28.03
CA GLY A 1161 10.51 40.75 28.56
C GLY A 1161 10.54 40.85 30.06
N LEU A 1162 10.79 39.74 30.75
CA LEU A 1162 10.85 39.73 32.20
C LEU A 1162 12.20 40.19 32.74
N MET A 1163 13.23 40.25 31.90
CA MET A 1163 14.55 40.65 32.33
C MET A 1163 14.86 42.12 32.01
N TYR A 1164 13.90 42.85 31.45
CA TYR A 1164 14.06 44.28 31.20
C TYR A 1164 13.65 44.93 32.52
N ILE A 1165 14.61 45.54 33.20
CA ILE A 1165 14.39 46.00 34.56
C ILE A 1165 14.76 47.45 34.86
N ASN A 1166 15.94 47.87 34.44
CA ASN A 1166 16.41 49.22 34.71
C ASN A 1166 17.35 49.61 33.57
N GLU A 1167 17.92 50.81 33.68
CA GLU A 1167 18.70 51.38 32.58
C GLU A 1167 19.84 50.45 32.21
N SER A 1168 20.41 50.69 31.03
CA SER A 1168 21.54 49.91 30.48
C SER A 1168 21.15 48.46 30.19
N THR A 1169 19.85 48.14 30.23
CA THR A 1169 19.36 46.82 29.89
C THR A 1169 18.41 46.85 28.72
N VAL A 1170 18.41 47.94 27.95
CA VAL A 1170 17.42 48.12 26.89
C VAL A 1170 17.51 47.03 25.84
N ILE A 1171 18.71 46.45 25.64
CA ILE A 1171 18.88 45.44 24.61
C ILE A 1171 18.00 44.22 24.84
N MET A 1172 17.75 43.87 26.11
CA MET A 1172 16.78 42.83 26.41
C MET A 1172 15.38 43.23 25.97
N ALA A 1173 14.95 44.45 26.30
CA ALA A 1173 13.68 44.93 25.79
C ALA A 1173 13.65 44.93 24.28
N TYR A 1174 14.81 45.14 23.65
CA TYR A 1174 14.89 44.97 22.21
C TYR A 1174 14.67 43.52 21.83
N LEU A 1175 15.41 42.61 22.46
CA LEU A 1175 15.36 41.20 22.06
C LEU A 1175 13.93 40.66 22.14
N PHE A 1176 13.29 40.84 23.29
CA PHE A 1176 11.88 40.53 23.42
C PHE A 1176 11.10 41.03 22.21
N THR A 1177 11.11 42.34 21.99
CA THR A 1177 10.26 42.92 20.95
C THR A 1177 10.61 42.36 19.58
N ILE A 1178 11.87 41.99 19.36
CA ILE A 1178 12.26 41.61 18.01
C ILE A 1178 11.81 40.20 17.70
N PHE A 1179 11.51 39.41 18.73
CA PHE A 1179 11.08 38.04 18.45
C PHE A 1179 9.57 37.90 18.57
N ASN A 1180 9.03 38.23 19.74
CA ASN A 1180 7.63 37.96 20.04
C ASN A 1180 6.68 38.67 19.09
N SER A 1181 6.92 39.95 18.82
CA SER A 1181 6.07 40.71 17.90
C SER A 1181 6.06 40.12 16.50
N LEU A 1182 6.91 39.13 16.22
CA LEU A 1182 6.93 38.49 14.92
C LEU A 1182 6.62 37.00 14.97
N GLN A 1183 5.94 36.52 16.02
CA GLN A 1183 5.59 35.11 16.03
C GLN A 1183 4.71 34.76 14.85
N GLY A 1184 3.76 35.63 14.51
CA GLY A 1184 2.94 35.38 13.35
C GLY A 1184 3.77 35.21 12.10
N MET A 1185 4.91 35.87 12.02
CA MET A 1185 5.79 35.69 10.88
C MET A 1185 6.52 34.36 10.96
N PHE A 1186 6.92 33.95 12.17
CA PHE A 1186 7.68 32.72 12.34
C PHE A 1186 6.82 31.49 12.08
N ILE A 1187 5.62 31.46 12.68
CA ILE A 1187 4.74 30.30 12.55
C ILE A 1187 4.41 30.03 11.09
N PHE A 1188 4.31 31.09 10.29
CA PHE A 1188 4.04 30.92 8.87
C PHE A 1188 5.25 30.32 8.14
N ILE A 1189 6.46 30.76 8.47
CA ILE A 1189 7.63 30.32 7.73
C ILE A 1189 7.87 28.83 7.95
N PHE A 1190 7.79 28.38 9.21
CA PHE A 1190 8.26 27.04 9.50
C PHE A 1190 7.15 26.00 9.41
N HIS A 1191 5.89 26.40 9.58
CA HIS A 1191 4.76 25.48 9.50
C HIS A 1191 3.89 25.66 8.28
N CYS A 1192 4.31 26.45 7.31
CA CYS A 1192 3.62 26.50 6.03
C CYS A 1192 4.53 26.35 4.84
N VAL A 1193 5.75 26.88 4.90
CA VAL A 1193 6.65 26.85 3.75
C VAL A 1193 7.58 25.64 3.80
N LEU A 1194 8.03 25.25 4.98
CA LEU A 1194 9.01 24.17 5.11
C LEU A 1194 8.39 22.80 5.28
N GLN A 1195 7.06 22.68 5.22
CA GLN A 1195 6.39 21.39 5.39
C GLN A 1195 6.07 20.78 4.02
N LYS A 1196 6.45 19.51 3.86
CA LYS A 1196 6.20 18.84 2.59
C LYS A 1196 4.72 18.58 2.35
N LYS A 1197 3.96 18.28 3.41
CA LYS A 1197 2.53 18.08 3.24
C LYS A 1197 1.84 19.33 2.71
N VAL A 1198 2.18 20.48 3.29
CA VAL A 1198 1.54 21.73 2.89
C VAL A 1198 1.98 22.12 1.48
N ARG A 1199 3.25 21.91 1.16
CA ARG A 1199 3.72 22.17 -0.19
C ARG A 1199 2.99 21.31 -1.21
N LYS A 1200 2.82 20.03 -0.91
CA LYS A 1200 2.08 19.14 -1.81
C LYS A 1200 0.64 19.58 -1.95
N GLU A 1201 0.01 19.99 -0.85
CA GLU A 1201 -1.37 20.45 -0.92
C GLU A 1201 -1.51 21.68 -1.79
N TYR A 1202 -0.60 22.65 -1.64
CA TYR A 1202 -0.62 23.82 -2.53
C TYR A 1202 -0.41 23.41 -3.98
N GLY A 1203 0.54 22.52 -4.23
CA GLY A 1203 0.80 22.10 -5.60
C GLY A 1203 -0.40 21.42 -6.23
N LYS A 1204 -1.11 20.60 -5.45
CA LYS A 1204 -2.29 19.92 -5.96
C LYS A 1204 -3.44 20.89 -6.19
N CYS A 1205 -3.70 21.77 -5.22
CA CYS A 1205 -4.88 22.63 -5.31
C CYS A 1205 -4.71 23.75 -6.33
N LEU A 1206 -3.53 24.37 -6.39
CA LEU A 1206 -3.33 25.51 -7.28
C LEU A 1206 -3.27 25.08 -8.74
N ARG A 1207 -2.73 23.89 -9.03
CA ARG A 1207 -2.61 23.43 -10.41
C ARG A 1207 -3.89 22.80 -10.93
N THR A 1208 -4.92 22.65 -10.11
CA THR A 1208 -6.18 22.07 -10.55
C THR A 1208 -7.02 23.08 -11.32
N SER B 8 3.26 -37.37 -16.00
CA SER B 8 2.95 -38.79 -16.15
C SER B 8 2.32 -39.08 -17.50
N ILE B 9 1.82 -40.31 -17.67
CA ILE B 9 1.20 -40.70 -18.94
C ILE B 9 -0.13 -39.98 -19.14
N ALA B 10 -0.92 -39.88 -18.07
CA ALA B 10 -2.27 -39.32 -18.19
C ALA B 10 -2.22 -37.85 -18.61
N GLN B 11 -1.30 -37.07 -18.02
CA GLN B 11 -1.20 -35.66 -18.37
C GLN B 11 -0.81 -35.50 -19.84
N ALA B 12 0.15 -36.28 -20.31
CA ALA B 12 0.56 -36.20 -21.71
C ALA B 12 -0.58 -36.59 -22.64
N ARG B 13 -1.33 -37.64 -22.29
CA ARG B 13 -2.45 -38.06 -23.13
C ARG B 13 -3.53 -36.98 -23.19
N LYS B 14 -3.84 -36.36 -22.05
CA LYS B 14 -4.82 -35.28 -22.04
C LYS B 14 -4.35 -34.10 -22.87
N LEU B 15 -3.06 -33.76 -22.77
CA LEU B 15 -2.54 -32.65 -23.57
C LEU B 15 -2.61 -32.95 -25.05
N VAL B 16 -2.30 -34.20 -25.44
CA VAL B 16 -2.38 -34.59 -26.84
C VAL B 16 -3.82 -34.50 -27.35
N GLU B 17 -4.77 -34.98 -26.55
CA GLU B 17 -6.18 -34.90 -26.96
C GLU B 17 -6.63 -33.45 -27.11
N GLN B 18 -6.22 -32.59 -26.17
CA GLN B 18 -6.60 -31.18 -26.27
C GLN B 18 -6.01 -30.54 -27.52
N LEU B 19 -4.75 -30.83 -27.82
CA LEU B 19 -4.14 -30.24 -29.02
C LEU B 19 -4.80 -30.77 -30.28
N LYS B 20 -5.20 -32.05 -30.29
CA LYS B 20 -5.93 -32.58 -31.43
C LYS B 20 -7.25 -31.83 -31.63
N MET B 21 -7.98 -31.59 -30.54
CA MET B 21 -9.23 -30.85 -30.68
C MET B 21 -8.98 -29.43 -31.16
N GLU B 22 -7.89 -28.82 -30.73
CA GLU B 22 -7.65 -27.42 -31.07
C GLU B 22 -7.17 -27.23 -32.49
N ALA B 23 -6.41 -28.18 -33.04
CA ALA B 23 -5.76 -27.95 -34.32
C ALA B 23 -6.69 -28.14 -35.52
N ASN B 24 -7.98 -28.38 -35.29
CA ASN B 24 -8.92 -28.69 -36.37
C ASN B 24 -10.14 -27.77 -36.31
N ILE B 25 -9.90 -26.48 -36.20
CA ILE B 25 -10.95 -25.47 -36.09
C ILE B 25 -10.88 -24.55 -37.30
N ASP B 26 -12.04 -24.25 -37.89
CA ASP B 26 -12.08 -23.38 -39.06
C ASP B 26 -11.63 -21.97 -38.70
N ARG B 27 -10.99 -21.30 -39.67
CA ARG B 27 -10.43 -19.98 -39.46
C ARG B 27 -10.69 -19.09 -40.66
N ILE B 28 -10.55 -17.79 -40.43
CA ILE B 28 -10.65 -16.78 -41.49
C ILE B 28 -9.42 -15.89 -41.41
N LYS B 29 -9.37 -14.89 -42.28
CA LYS B 29 -8.22 -14.02 -42.36
C LYS B 29 -8.35 -12.82 -41.42
N VAL B 30 -7.23 -12.15 -41.18
CA VAL B 30 -7.19 -11.07 -40.20
C VAL B 30 -7.84 -9.79 -40.76
N SER B 31 -7.79 -9.61 -42.07
CA SER B 31 -8.40 -8.43 -42.66
C SER B 31 -9.89 -8.37 -42.38
N LYS B 32 -10.54 -9.54 -42.36
CA LYS B 32 -11.96 -9.59 -42.02
C LYS B 32 -12.21 -9.11 -40.59
N ALA B 33 -11.38 -9.54 -39.64
CA ALA B 33 -11.54 -9.09 -38.26
C ALA B 33 -11.34 -7.58 -38.14
N ALA B 34 -10.30 -7.06 -38.82
CA ALA B 34 -10.09 -5.61 -38.79
C ALA B 34 -11.27 -4.86 -39.37
N ALA B 35 -11.78 -5.32 -40.51
CA ALA B 35 -12.93 -4.67 -41.13
C ALA B 35 -14.14 -4.70 -40.22
N ASP B 36 -14.41 -5.84 -39.56
CA ASP B 36 -15.58 -5.94 -38.70
C ASP B 36 -15.48 -5.00 -37.50
N LEU B 37 -14.31 -4.95 -36.85
CA LEU B 37 -14.14 -4.04 -35.73
C LEU B 37 -14.30 -2.59 -36.15
N MET B 38 -13.68 -2.20 -37.27
CA MET B 38 -13.81 -0.82 -37.73
C MET B 38 -15.25 -0.48 -38.07
N ALA B 39 -15.96 -1.40 -38.72
CA ALA B 39 -17.35 -1.16 -39.08
C ALA B 39 -18.22 -0.96 -37.85
N TYR B 40 -18.05 -1.82 -36.84
CA TYR B 40 -18.83 -1.64 -35.62
C TYR B 40 -18.51 -0.31 -34.97
N CYS B 41 -17.23 0.05 -34.92
CA CYS B 41 -16.86 1.32 -34.29
C CYS B 41 -17.52 2.49 -35.00
N GLU B 42 -17.57 2.45 -36.32
CA GLU B 42 -18.17 3.56 -37.05
C GLU B 42 -19.68 3.59 -36.89
N ALA B 43 -20.32 2.43 -36.77
CA ALA B 43 -21.78 2.39 -36.75
C ALA B 43 -22.36 3.11 -35.53
N HIS B 44 -21.76 2.94 -34.35
CA HIS B 44 -22.27 3.49 -33.10
C HIS B 44 -21.48 4.68 -32.61
N ALA B 45 -21.02 5.56 -33.50
CA ALA B 45 -20.08 6.60 -33.11
C ALA B 45 -20.79 7.83 -32.55
N LYS B 46 -21.96 8.16 -33.09
CA LYS B 46 -22.67 9.36 -32.68
C LYS B 46 -23.37 9.22 -31.32
N GLU B 47 -23.38 8.02 -30.74
CA GLU B 47 -24.02 7.79 -29.46
C GLU B 47 -23.05 7.52 -28.33
N ASP B 48 -21.74 7.66 -28.56
CA ASP B 48 -20.76 7.44 -27.50
C ASP B 48 -20.45 8.77 -26.83
N PRO B 49 -20.85 8.98 -25.58
CA PRO B 49 -20.69 10.30 -24.97
C PRO B 49 -19.26 10.74 -24.73
N LEU B 50 -18.34 9.83 -24.43
CA LEU B 50 -16.98 10.23 -24.11
C LEU B 50 -16.12 10.50 -25.33
N LEU B 51 -16.62 10.31 -26.49
CA LEU B 51 -16.06 10.89 -27.71
C LEU B 51 -16.79 12.14 -28.16
N THR B 52 -18.14 12.13 -28.05
CA THR B 52 -18.98 13.26 -28.46
C THR B 52 -19.67 13.78 -27.21
N PRO B 53 -19.07 14.76 -26.53
CA PRO B 53 -19.67 15.26 -25.29
C PRO B 53 -21.06 15.85 -25.52
N VAL B 54 -21.92 15.66 -24.53
CA VAL B 54 -23.32 16.07 -24.63
C VAL B 54 -23.45 17.46 -24.04
N PRO B 55 -24.46 18.23 -24.46
CA PRO B 55 -24.70 19.54 -23.86
C PRO B 55 -25.03 19.43 -22.38
N ALA B 56 -24.80 20.53 -21.66
CA ALA B 56 -24.93 20.51 -20.20
C ALA B 56 -26.36 20.22 -19.77
N SER B 57 -27.34 20.50 -20.63
CA SER B 57 -28.74 20.29 -20.26
C SER B 57 -29.10 18.82 -20.10
N GLU B 58 -28.37 17.90 -20.73
CA GLU B 58 -28.68 16.48 -20.68
C GLU B 58 -27.65 15.66 -19.93
N ASN B 59 -26.75 16.29 -19.19
CA ASN B 59 -25.68 15.57 -18.50
C ASN B 59 -25.97 15.52 -17.00
N PRO B 60 -26.28 14.36 -16.43
CA PRO B 60 -26.66 14.33 -15.01
C PRO B 60 -25.50 14.51 -14.06
N PHE B 61 -24.26 14.40 -14.53
CA PHE B 61 -23.09 14.57 -13.67
C PHE B 61 -22.46 15.95 -13.81
N ARG B 62 -22.99 16.80 -14.68
CA ARG B 62 -22.42 18.12 -14.90
C ARG B 62 -23.44 19.20 -14.61
N GLU B 63 -24.68 18.96 -15.02
CA GLU B 63 -25.78 19.90 -14.85
C GLU B 63 -26.04 20.22 -13.38
N LEU C 5 -37.36 20.43 -1.02
CA LEU C 5 -37.07 18.99 -0.98
C LEU C 5 -38.31 18.20 -0.58
N SER C 6 -38.63 17.19 -1.39
CA SER C 6 -39.80 16.36 -1.16
C SER C 6 -39.57 15.40 0.00
N ALA C 7 -40.50 14.45 0.16
CA ALA C 7 -40.33 13.43 1.18
C ALA C 7 -39.14 12.53 0.88
N GLU C 8 -38.98 12.15 -0.39
CA GLU C 8 -37.93 11.20 -0.77
C GLU C 8 -36.54 11.75 -0.47
N ASP C 9 -36.29 13.02 -0.81
CA ASP C 9 -34.96 13.59 -0.58
C ASP C 9 -34.63 13.66 0.90
N LYS C 10 -35.58 14.06 1.72
CA LYS C 10 -35.34 14.09 3.16
C LYS C 10 -35.06 12.70 3.71
N ALA C 11 -35.82 11.70 3.25
CA ALA C 11 -35.57 10.33 3.71
C ALA C 11 -34.16 9.89 3.34
N ALA C 12 -33.74 10.17 2.11
CA ALA C 12 -32.41 9.76 1.66
C ALA C 12 -31.32 10.43 2.49
N VAL C 13 -31.43 11.73 2.72
CA VAL C 13 -30.39 12.43 3.46
C VAL C 13 -30.32 11.93 4.90
N GLU C 14 -31.48 11.68 5.52
CA GLU C 14 -31.48 11.14 6.89
C GLU C 14 -30.78 9.80 6.96
N ARG C 15 -31.06 8.92 6.00
CA ARG C 15 -30.42 7.61 6.00
C ARG C 15 -28.90 7.74 5.83
N SER C 16 -28.45 8.64 4.94
CA SER C 16 -27.02 8.86 4.78
C SER C 16 -26.37 9.34 6.06
N LYS C 17 -27.04 10.24 6.78
CA LYS C 17 -26.48 10.76 8.02
C LYS C 17 -26.33 9.66 9.08
N MET C 18 -27.32 8.78 9.18
CA MET C 18 -27.16 7.65 10.10
C MET C 18 -25.99 6.74 9.71
N ILE C 19 -25.82 6.49 8.42
CA ILE C 19 -24.71 5.64 7.98
C ILE C 19 -23.37 6.27 8.39
N GLU C 20 -23.23 7.59 8.22
CA GLU C 20 -21.99 8.24 8.62
C GLU C 20 -21.78 8.18 10.14
N LYS C 21 -22.86 8.31 10.90
CA LYS C 21 -22.75 8.16 12.35
C LYS C 21 -22.19 6.80 12.73
N GLN C 22 -22.53 5.76 11.96
CA GLN C 22 -21.96 4.43 12.26
C GLN C 22 -20.49 4.33 11.84
N LEU C 23 -20.15 4.86 10.67
CA LEU C 23 -18.76 4.79 10.21
C LEU C 23 -17.81 5.52 11.17
N GLN C 24 -18.29 6.54 11.86
CA GLN C 24 -17.42 7.23 12.82
C GLN C 24 -17.00 6.31 13.97
N LYS C 25 -17.92 5.50 14.50
CA LYS C 25 -17.53 4.52 15.52
C LYS C 25 -16.56 3.49 14.94
N ASP C 26 -16.82 3.06 13.70
CA ASP C 26 -15.96 2.05 13.10
C ASP C 26 -14.52 2.54 12.96
N LYS C 27 -14.31 3.80 12.59
CA LYS C 27 -12.95 4.32 12.41
C LYS C 27 -12.14 4.30 13.71
N GLN C 28 -12.77 4.73 14.81
CA GLN C 28 -12.11 4.68 16.11
C GLN C 28 -11.76 3.26 16.51
N VAL C 29 -12.66 2.30 16.29
CA VAL C 29 -12.32 0.92 16.65
C VAL C 29 -11.21 0.39 15.77
N TYR C 30 -11.20 0.78 14.49
CA TYR C 30 -10.22 0.26 13.53
C TYR C 30 -8.80 0.72 13.87
N ARG C 31 -8.61 2.02 14.12
CA ARG C 31 -7.24 2.53 14.21
C ARG C 31 -6.49 2.12 15.47
N ALA C 32 -7.15 1.51 16.46
CA ALA C 32 -6.52 1.17 17.71
C ALA C 32 -6.14 -0.31 17.82
N THR C 33 -6.17 -1.04 16.72
CA THR C 33 -5.86 -2.47 16.70
C THR C 33 -4.71 -2.74 15.74
N HIS C 34 -3.78 -3.61 16.15
CA HIS C 34 -2.57 -3.85 15.38
C HIS C 34 -2.59 -5.24 14.76
N ARG C 35 -1.99 -5.36 13.57
CA ARG C 35 -2.11 -6.56 12.75
C ARG C 35 -0.74 -7.06 12.32
N LEU C 36 -0.51 -8.36 12.51
CA LEU C 36 0.80 -8.99 12.27
C LEU C 36 0.64 -10.18 11.33
N LEU C 37 1.65 -10.41 10.49
CA LEU C 37 1.65 -11.55 9.58
C LEU C 37 2.67 -12.57 10.02
N LEU C 38 2.27 -13.84 10.15
CA LEU C 38 3.13 -14.90 10.65
C LEU C 38 3.62 -15.79 9.52
N LEU C 39 4.93 -16.00 9.42
CA LEU C 39 5.53 -16.82 8.37
C LEU C 39 6.56 -17.79 8.94
N GLY C 40 6.65 -18.94 8.31
CA GLY C 40 7.60 -19.97 8.69
C GLY C 40 7.46 -21.18 7.78
N ALA C 41 8.30 -22.18 8.06
CA ALA C 41 8.29 -23.42 7.30
C ALA C 41 7.63 -24.54 8.10
N ASP C 42 7.58 -25.72 7.47
CA ASP C 42 6.86 -26.85 8.05
C ASP C 42 7.61 -27.52 9.20
N ASN C 43 8.90 -27.25 9.36
CA ASN C 43 9.69 -27.79 10.46
C ASN C 43 10.05 -26.74 11.49
N SER C 44 9.19 -25.74 11.70
CA SER C 44 9.60 -24.53 12.41
C SER C 44 9.20 -24.53 13.88
N GLY C 45 8.10 -25.17 14.24
CA GLY C 45 7.50 -24.95 15.54
C GLY C 45 6.53 -23.80 15.60
N LYS C 46 6.08 -23.33 14.44
CA LYS C 46 5.19 -22.18 14.36
C LYS C 46 3.85 -22.44 15.03
N SER C 47 3.30 -23.64 14.82
CA SER C 47 2.05 -24.02 15.47
C SER C 47 2.15 -23.99 16.98
N THR C 48 3.28 -24.44 17.54
CA THR C 48 3.48 -24.40 18.98
C THR C 48 3.56 -23.00 19.53
N ILE C 49 4.19 -22.07 18.81
CA ILE C 49 4.19 -20.68 19.28
C ILE C 49 2.78 -20.11 19.21
N VAL C 50 1.97 -20.51 18.22
CA VAL C 50 0.58 -20.07 18.18
C VAL C 50 -0.18 -20.58 19.40
N LYS C 51 -0.03 -21.87 19.71
CA LYS C 51 -0.71 -22.44 20.87
C LYS C 51 -0.25 -21.80 22.17
N GLN C 52 1.04 -21.48 22.27
CA GLN C 52 1.56 -20.83 23.47
C GLN C 52 0.99 -19.43 23.64
N MET C 53 0.98 -18.63 22.56
CA MET C 53 0.47 -17.27 22.67
C MET C 53 -1.05 -17.22 22.74
N ARG C 54 -1.73 -18.33 22.47
CA ARG C 54 -3.18 -18.34 22.66
C ARG C 54 -3.57 -18.23 24.13
N ILE C 55 -2.64 -18.44 25.05
CA ILE C 55 -2.96 -18.31 26.47
C ILE C 55 -3.17 -16.86 26.87
N TYR C 56 -2.74 -15.92 26.04
CA TYR C 56 -2.90 -14.49 26.31
C TYR C 56 -4.23 -13.95 25.82
N HIS C 57 -5.15 -14.82 25.41
CA HIS C 57 -6.44 -14.38 24.89
C HIS C 57 -7.31 -13.80 26.00
N THR C 181 -10.38 -26.68 3.00
CA THR C 181 -11.29 -25.98 3.89
C THR C 181 -10.88 -24.51 4.06
N SER C 182 -10.66 -24.11 5.30
CA SER C 182 -10.43 -22.70 5.60
C SER C 182 -9.09 -22.24 5.06
N GLY C 183 -9.11 -21.11 4.36
CA GLY C 183 -7.92 -20.57 3.73
C GLY C 183 -7.10 -19.61 4.55
N ILE C 184 -7.48 -19.33 5.79
CA ILE C 184 -6.71 -18.45 6.66
C ILE C 184 -7.13 -18.72 8.10
N PHE C 185 -6.21 -18.49 9.04
CA PHE C 185 -6.46 -18.66 10.45
C PHE C 185 -6.05 -17.41 11.22
N GLU C 186 -6.80 -17.11 12.28
CA GLU C 186 -6.66 -15.86 12.99
C GLU C 186 -6.56 -16.10 14.49
N THR C 187 -5.68 -15.34 15.14
CA THR C 187 -5.55 -15.38 16.60
C THR C 187 -5.61 -13.94 17.13
N LYS C 188 -6.27 -13.75 18.26
CA LYS C 188 -6.32 -12.47 18.94
C LYS C 188 -5.68 -12.56 20.30
N PHE C 189 -4.78 -11.63 20.61
CA PHE C 189 -4.25 -11.56 21.97
C PHE C 189 -4.03 -10.10 22.36
N GLN C 190 -3.68 -9.89 23.62
CA GLN C 190 -3.73 -8.56 24.23
C GLN C 190 -2.64 -8.43 25.28
N VAL C 191 -1.88 -7.35 25.21
CA VAL C 191 -0.84 -7.05 26.20
C VAL C 191 -1.00 -5.60 26.64
N ASP C 192 -1.17 -5.41 27.95
CA ASP C 192 -1.30 -4.08 28.57
C ASP C 192 -2.31 -3.21 27.83
N LYS C 193 -3.49 -3.77 27.59
CA LYS C 193 -4.63 -3.11 26.94
C LYS C 193 -4.38 -2.74 25.48
N VAL C 194 -3.42 -3.37 24.82
CA VAL C 194 -3.22 -3.19 23.38
C VAL C 194 -3.56 -4.51 22.69
N ASN C 195 -4.30 -4.43 21.59
CA ASN C 195 -4.86 -5.60 20.93
C ASN C 195 -4.12 -5.92 19.64
N PHE C 196 -3.68 -7.18 19.52
CA PHE C 196 -2.96 -7.68 18.36
C PHE C 196 -3.75 -8.81 17.70
N HIS C 197 -3.87 -8.74 16.39
CA HIS C 197 -4.43 -9.79 15.56
C HIS C 197 -3.31 -10.39 14.73
N MET C 198 -3.09 -11.69 14.87
CA MET C 198 -2.04 -12.41 14.15
C MET C 198 -2.69 -13.30 13.10
N PHE C 199 -2.18 -13.23 11.87
CA PHE C 199 -2.74 -13.99 10.77
C PHE C 199 -1.77 -15.03 10.24
N ASP C 200 -2.30 -16.25 10.08
CA ASP C 200 -1.54 -17.42 9.62
C ASP C 200 -2.21 -17.93 8.35
N VAL C 201 -1.42 -18.31 7.37
CA VAL C 201 -1.95 -18.73 6.08
C VAL C 201 -1.99 -20.25 6.01
N GLY C 202 -3.15 -20.79 5.64
CA GLY C 202 -3.33 -22.22 5.44
C GLY C 202 -4.18 -22.45 4.21
N ALA C 203 -4.16 -23.70 3.75
CA ALA C 203 -4.96 -24.14 2.61
C ALA C 203 -4.72 -23.28 1.38
N GLN C 204 -3.47 -23.01 1.09
CA GLN C 204 -3.05 -22.38 -0.15
C GLN C 204 -2.05 -23.29 -0.85
N ARG C 205 -1.74 -22.97 -2.10
CA ARG C 205 -0.71 -23.68 -2.81
C ARG C 205 0.68 -23.19 -2.41
N ASP C 206 1.68 -23.69 -3.11
CA ASP C 206 3.08 -23.39 -2.79
C ASP C 206 3.60 -22.13 -3.44
N GLU C 207 2.80 -21.44 -4.24
CA GLU C 207 3.21 -20.19 -4.85
C GLU C 207 2.56 -19.04 -4.10
N ARG C 208 3.34 -18.00 -3.79
CA ARG C 208 2.87 -16.93 -2.92
C ARG C 208 3.23 -15.54 -3.43
N ARG C 209 3.54 -15.40 -4.71
CA ARG C 209 3.93 -14.09 -5.20
C ARG C 209 2.75 -13.16 -5.45
N LYS C 210 1.53 -13.60 -5.15
CA LYS C 210 0.34 -12.79 -5.39
C LYS C 210 -0.42 -12.39 -4.14
N TRP C 211 -0.80 -13.32 -3.28
CA TRP C 211 -1.53 -12.94 -2.09
C TRP C 211 -0.67 -12.22 -1.05
N ILE C 212 0.66 -12.35 -1.14
CA ILE C 212 1.53 -11.65 -0.20
C ILE C 212 1.32 -10.13 -0.28
N GLN C 213 0.97 -9.62 -1.46
CA GLN C 213 0.70 -8.21 -1.64
C GLN C 213 -0.43 -7.70 -0.76
N CYS C 214 -1.30 -8.56 -0.28
CA CYS C 214 -2.38 -8.11 0.60
C CYS C 214 -1.86 -7.62 1.95
N PHE C 215 -0.59 -7.87 2.27
CA PHE C 215 -0.05 -7.62 3.59
C PHE C 215 0.99 -6.49 3.58
N ASN C 216 0.71 -5.42 2.87
CA ASN C 216 1.65 -4.33 2.69
C ASN C 216 1.45 -3.19 3.67
N ASP C 217 0.49 -3.30 4.58
CA ASP C 217 0.21 -2.25 5.55
C ASP C 217 0.02 -2.82 6.94
N VAL C 218 0.74 -3.90 7.24
CA VAL C 218 0.73 -4.48 8.57
C VAL C 218 1.88 -3.86 9.36
N THR C 219 1.77 -3.95 10.68
CA THR C 219 2.84 -3.42 11.53
C THR C 219 4.11 -4.22 11.39
N ALA C 220 4.02 -5.56 11.29
CA ALA C 220 5.23 -6.36 11.32
C ALA C 220 5.00 -7.74 10.70
N ILE C 221 6.10 -8.33 10.26
CA ILE C 221 6.17 -9.71 9.82
C ILE C 221 6.99 -10.50 10.83
N ILE C 222 6.42 -11.58 11.36
CA ILE C 222 7.14 -12.45 12.28
C ILE C 222 7.62 -13.68 11.53
N PHE C 223 8.94 -13.83 11.45
CA PHE C 223 9.58 -14.90 10.67
C PHE C 223 10.20 -15.90 11.64
N VAL C 224 9.71 -17.15 11.61
CA VAL C 224 10.21 -18.19 12.51
C VAL C 224 11.08 -19.14 11.71
N VAL C 225 12.25 -19.50 12.27
CA VAL C 225 13.20 -20.37 11.57
C VAL C 225 13.78 -21.39 12.54
N ASP C 226 13.92 -22.63 12.05
CA ASP C 226 14.54 -23.73 12.79
C ASP C 226 16.04 -23.71 12.54
N SER C 227 16.83 -23.67 13.61
CA SER C 227 18.27 -23.56 13.51
C SER C 227 19.01 -24.84 13.91
N SER C 228 18.31 -25.95 14.07
CA SER C 228 18.97 -27.22 14.38
C SER C 228 19.21 -28.09 13.16
N ASP C 229 18.78 -27.68 11.98
CA ASP C 229 18.87 -28.50 10.78
C ASP C 229 19.76 -27.76 9.79
N TYR C 230 20.98 -28.25 9.63
CA TYR C 230 21.95 -27.59 8.76
C TYR C 230 21.61 -27.75 7.28
N ASN C 231 20.98 -28.85 6.90
CA ASN C 231 20.64 -29.14 5.53
C ASN C 231 19.65 -28.16 4.93
N ARG C 232 18.89 -27.44 5.76
CA ARG C 232 17.81 -26.59 5.28
C ARG C 232 17.96 -25.13 5.67
N LEU C 233 19.12 -24.70 6.19
CA LEU C 233 19.32 -23.30 6.52
C LEU C 233 19.41 -22.44 5.27
N GLN C 234 19.97 -22.97 4.19
CA GLN C 234 20.12 -22.19 2.97
C GLN C 234 18.77 -21.75 2.41
N GLU C 235 17.76 -22.63 2.43
CA GLU C 235 16.44 -22.26 1.97
C GLU C 235 15.84 -21.15 2.82
N ALA C 236 16.05 -21.21 4.13
CA ALA C 236 15.60 -20.13 5.01
C ALA C 236 16.28 -18.80 4.67
N LEU C 237 17.59 -18.83 4.42
CA LEU C 237 18.29 -17.61 4.04
C LEU C 237 17.74 -17.03 2.74
N ASN C 238 17.50 -17.89 1.76
CA ASN C 238 16.95 -17.41 0.49
C ASN C 238 15.54 -16.85 0.68
N ASP C 239 14.74 -17.47 1.55
CA ASP C 239 13.41 -16.95 1.87
C ASP C 239 13.49 -15.55 2.47
N PHE C 240 14.40 -15.37 3.42
CA PHE C 240 14.58 -14.05 4.02
C PHE C 240 15.00 -13.03 3.00
N LYS C 241 15.91 -13.41 2.08
CA LYS C 241 16.33 -12.49 1.03
C LYS C 241 15.15 -12.07 0.16
N SER C 242 14.29 -13.03 -0.21
CA SER C 242 13.15 -12.69 -1.07
C SER C 242 12.16 -11.78 -0.36
N ILE C 243 11.88 -12.01 0.93
CA ILE C 243 10.94 -11.15 1.64
C ILE C 243 11.53 -9.75 1.84
N TRP C 244 12.84 -9.67 2.07
CA TRP C 244 13.46 -8.40 2.45
C TRP C 244 13.53 -7.42 1.29
N ASN C 245 13.48 -7.92 0.05
CA ASN C 245 13.77 -7.09 -1.12
C ASN C 245 12.59 -6.90 -2.06
N ASN C 246 11.38 -7.24 -1.64
CA ASN C 246 10.22 -7.08 -2.51
C ASN C 246 9.81 -5.62 -2.58
N ARG C 247 9.02 -5.28 -3.60
CA ARG C 247 8.65 -3.88 -3.82
C ARG C 247 7.60 -3.39 -2.84
N TRP C 248 6.64 -4.23 -2.49
CA TRP C 248 5.53 -3.81 -1.64
C TRP C 248 5.83 -3.99 -0.16
N LEU C 249 7.00 -4.49 0.18
CA LEU C 249 7.38 -4.75 1.56
C LEU C 249 8.66 -4.04 1.97
N ARG C 250 8.98 -2.89 1.37
CA ARG C 250 10.19 -2.17 1.74
C ARG C 250 10.01 -1.27 2.95
N THR C 251 8.82 -1.18 3.51
CA THR C 251 8.58 -0.37 4.69
C THR C 251 8.23 -1.23 5.90
N ILE C 252 7.99 -2.52 5.70
CA ILE C 252 7.51 -3.42 6.74
C ILE C 252 8.71 -4.07 7.39
N SER C 253 8.77 -4.01 8.72
CA SER C 253 9.88 -4.56 9.46
C SER C 253 9.63 -6.02 9.84
N VAL C 254 10.71 -6.69 10.21
CA VAL C 254 10.71 -8.13 10.45
C VAL C 254 11.19 -8.39 11.87
N ILE C 255 10.49 -9.27 12.58
CA ILE C 255 10.93 -9.81 13.86
C ILE C 255 11.32 -11.26 13.64
N LEU C 256 12.59 -11.59 13.90
CA LEU C 256 13.17 -12.86 13.53
C LEU C 256 13.31 -13.74 14.75
N PHE C 257 12.77 -14.95 14.69
CA PHE C 257 12.87 -15.92 15.77
C PHE C 257 13.73 -17.08 15.32
N LEU C 258 14.81 -17.33 16.05
CA LEU C 258 15.67 -18.49 15.85
C LEU C 258 15.28 -19.51 16.91
N ASN C 259 14.55 -20.56 16.50
CA ASN C 259 13.88 -21.45 17.42
C ASN C 259 14.70 -22.73 17.61
N LYS C 260 14.33 -23.52 18.62
CA LYS C 260 14.91 -24.83 18.87
C LYS C 260 16.42 -24.76 19.11
N GLN C 261 16.78 -24.11 20.22
CA GLN C 261 18.19 -23.95 20.55
C GLN C 261 18.76 -25.15 21.29
N ASP C 262 17.92 -25.85 22.05
CA ASP C 262 18.40 -27.02 22.79
C ASP C 262 18.87 -28.12 21.85
N LEU C 263 18.18 -28.32 20.74
CA LEU C 263 18.60 -29.31 19.78
C LEU C 263 19.95 -28.96 19.19
N LEU C 264 20.18 -27.68 18.88
CA LEU C 264 21.48 -27.25 18.39
C LEU C 264 22.57 -27.47 19.42
N ALA C 265 22.28 -27.18 20.69
CA ALA C 265 23.26 -27.40 21.74
C ALA C 265 23.63 -28.88 21.83
N GLU C 266 22.63 -29.76 21.83
CA GLU C 266 22.89 -31.19 21.93
C GLU C 266 23.67 -31.69 20.72
N LYS C 267 23.29 -31.25 19.51
CA LYS C 267 23.96 -31.70 18.30
C LYS C 267 25.42 -31.24 18.24
N VAL C 268 25.68 -29.99 18.65
CA VAL C 268 27.07 -29.50 18.62
C VAL C 268 27.90 -30.18 19.68
N LEU C 269 27.36 -30.32 20.89
CA LEU C 269 28.12 -30.99 21.96
C LEU C 269 28.44 -32.43 21.59
N ALA C 270 27.48 -33.15 21.01
CA ALA C 270 27.73 -34.55 20.65
C ALA C 270 28.82 -34.68 19.60
N GLY C 271 28.83 -33.79 18.62
CA GLY C 271 29.90 -33.79 17.64
C GLY C 271 29.75 -34.77 16.49
N LYS C 272 28.54 -35.19 16.18
CA LYS C 272 28.33 -36.14 15.09
C LYS C 272 28.48 -35.49 13.72
N SER C 273 27.98 -34.27 13.54
CA SER C 273 28.03 -33.62 12.24
C SER C 273 28.73 -32.27 12.39
N LYS C 274 29.51 -31.92 11.37
CA LYS C 274 30.39 -30.76 11.41
C LYS C 274 29.77 -29.61 10.62
N ILE C 275 29.71 -28.44 11.27
CA ILE C 275 29.04 -27.30 10.66
C ILE C 275 29.82 -26.80 9.46
N GLU C 276 31.14 -27.00 9.45
CA GLU C 276 31.96 -26.49 8.35
C GLU C 276 31.79 -27.27 7.06
N ASP C 277 31.09 -28.41 7.09
CA ASP C 277 30.83 -29.16 5.87
C ASP C 277 29.89 -28.41 4.94
N TYR C 278 28.96 -27.64 5.50
CA TYR C 278 28.01 -26.85 4.72
C TYR C 278 28.40 -25.39 4.57
N PHE C 279 29.15 -24.84 5.54
CA PHE C 279 29.59 -23.44 5.52
C PHE C 279 31.09 -23.40 5.78
N PRO C 280 31.89 -23.24 4.73
CA PRO C 280 33.35 -23.21 4.91
C PRO C 280 33.86 -22.10 5.83
N GLU C 281 33.29 -20.89 5.74
CA GLU C 281 33.81 -19.74 6.44
C GLU C 281 33.86 -19.93 7.96
N PHE C 282 33.06 -20.85 8.49
CA PHE C 282 33.04 -21.08 9.92
C PHE C 282 34.39 -21.52 10.43
N ALA C 283 35.28 -21.98 9.54
CA ALA C 283 36.60 -22.39 9.96
C ALA C 283 37.48 -21.22 10.37
N ARG C 284 37.07 -19.99 10.09
CA ARG C 284 37.87 -18.81 10.41
C ARG C 284 37.10 -17.74 11.17
N TYR C 285 36.06 -18.12 11.91
CA TYR C 285 35.21 -17.17 12.60
C TYR C 285 35.57 -17.10 14.08
N THR C 286 35.55 -15.88 14.63
CA THR C 286 35.86 -15.63 16.03
C THR C 286 34.66 -14.96 16.70
N THR C 287 34.37 -15.41 17.92
CA THR C 287 33.22 -14.89 18.65
C THR C 287 33.37 -13.38 18.83
N PRO C 288 32.36 -12.59 18.49
CA PRO C 288 32.49 -11.14 18.62
C PRO C 288 32.53 -10.70 20.08
N GLU C 289 33.09 -9.52 20.30
CA GLU C 289 33.33 -9.03 21.65
C GLU C 289 32.04 -8.65 22.39
N ASP C 290 30.97 -8.31 21.66
CA ASP C 290 29.73 -7.87 22.27
C ASP C 290 28.77 -9.00 22.60
N ALA C 291 29.26 -10.24 22.60
CA ALA C 291 28.42 -11.38 22.93
C ALA C 291 28.13 -11.40 24.43
N THR C 292 26.98 -11.99 24.79
CA THR C 292 26.59 -12.17 26.18
C THR C 292 26.17 -13.61 26.41
N PRO C 293 27.12 -14.53 26.57
CA PRO C 293 26.79 -15.93 26.87
C PRO C 293 26.45 -16.13 28.34
N GLU C 294 25.33 -15.56 28.76
CA GLU C 294 25.02 -15.46 30.19
C GLU C 294 24.88 -16.80 30.91
N PRO C 295 24.12 -17.79 30.42
CA PRO C 295 23.77 -18.93 31.28
C PRO C 295 24.94 -19.76 31.78
N GLY C 296 26.10 -19.70 31.14
CA GLY C 296 27.18 -20.59 31.50
C GLY C 296 27.36 -21.75 30.54
N GLU C 297 27.34 -21.47 29.24
CA GLU C 297 27.39 -22.51 28.23
C GLU C 297 28.82 -22.74 27.74
N ASP C 298 28.99 -23.82 27.00
CA ASP C 298 30.28 -24.11 26.37
C ASP C 298 30.55 -23.07 25.29
N PRO C 299 31.81 -22.65 25.10
CA PRO C 299 32.10 -21.63 24.10
C PRO C 299 31.69 -22.00 22.68
N ARG C 300 31.71 -23.29 22.35
CA ARG C 300 31.34 -23.73 21.01
C ARG C 300 29.87 -23.43 20.70
N VAL C 301 28.98 -23.58 21.69
CA VAL C 301 27.59 -23.21 21.49
C VAL C 301 27.47 -21.74 21.12
N THR C 302 28.20 -20.87 21.83
CA THR C 302 28.15 -19.44 21.52
C THR C 302 28.68 -19.16 20.12
N ARG C 303 29.78 -19.80 19.74
CA ARG C 303 30.31 -19.61 18.39
C ARG C 303 29.27 -19.94 17.33
N ALA C 304 28.70 -21.15 17.42
CA ALA C 304 27.75 -21.59 16.39
C ALA C 304 26.52 -20.70 16.37
N LYS C 305 26.00 -20.36 17.55
CA LYS C 305 24.80 -19.54 17.65
C LYS C 305 25.01 -18.19 16.99
N TYR C 306 26.12 -17.51 17.31
CA TYR C 306 26.31 -16.18 16.75
C TYR C 306 26.70 -16.22 15.28
N PHE C 307 27.33 -17.30 14.82
CA PHE C 307 27.56 -17.43 13.39
C PHE C 307 26.25 -17.47 12.64
N ILE C 308 25.31 -18.29 13.13
CA ILE C 308 24.01 -18.39 12.48
C ILE C 308 23.31 -17.03 12.46
N ARG C 309 23.38 -16.29 13.57
CA ARG C 309 22.73 -14.98 13.61
C ARG C 309 23.36 -14.00 12.63
N ASP C 310 24.71 -13.98 12.55
CA ASP C 310 25.37 -13.06 11.64
C ASP C 310 25.04 -13.36 10.19
N GLU C 311 24.75 -14.63 9.88
CA GLU C 311 24.38 -14.97 8.50
C GLU C 311 23.13 -14.21 8.07
N PHE C 312 22.23 -13.91 9.01
CA PHE C 312 21.02 -13.14 8.65
C PHE C 312 21.26 -11.64 8.76
N LEU C 313 22.02 -11.23 9.79
CA LEU C 313 22.28 -9.80 9.96
C LEU C 313 23.05 -9.22 8.78
N ARG C 314 23.87 -10.03 8.10
CA ARG C 314 24.58 -9.53 6.94
C ARG C 314 23.63 -9.14 5.81
N ILE C 315 22.65 -10.01 5.52
CA ILE C 315 21.64 -9.69 4.50
C ILE C 315 20.84 -8.48 4.94
N SER C 316 20.47 -8.41 6.21
CA SER C 316 19.65 -7.29 6.68
C SER C 316 20.38 -5.97 6.54
N THR C 317 21.68 -5.94 6.86
CA THR C 317 22.43 -4.69 6.84
C THR C 317 22.78 -4.28 5.41
N ALA C 318 23.03 -5.26 4.54
CA ALA C 318 23.59 -4.93 3.22
C ALA C 318 22.68 -4.04 2.39
N SER C 319 21.42 -4.43 2.24
CA SER C 319 20.52 -3.76 1.31
C SER C 319 19.55 -2.80 1.98
N GLY C 320 19.72 -2.53 3.27
CA GLY C 320 18.84 -1.61 3.95
C GLY C 320 19.11 -0.16 3.61
N ASP C 321 18.13 0.70 3.90
CA ASP C 321 18.24 2.12 3.63
C ASP C 321 17.81 2.98 4.82
N GLY C 322 17.80 2.42 6.02
CA GLY C 322 17.35 3.14 7.18
C GLY C 322 15.85 3.25 7.33
N ARG C 323 15.08 2.64 6.42
CA ARG C 323 13.62 2.71 6.45
C ARG C 323 12.98 1.54 7.19
N HIS C 324 13.68 0.43 7.37
CA HIS C 324 13.16 -0.68 8.16
C HIS C 324 14.32 -1.48 8.72
N TYR C 325 14.08 -2.12 9.86
CA TYR C 325 15.11 -2.82 10.61
C TYR C 325 14.71 -4.26 10.86
N CYS C 326 15.63 -5.02 11.45
CA CYS C 326 15.44 -6.42 11.77
C CYS C 326 15.84 -6.66 13.22
N TYR C 327 14.98 -7.36 13.98
CA TYR C 327 15.15 -7.58 15.41
C TYR C 327 15.31 -9.08 15.66
N PRO C 328 16.52 -9.54 15.99
CA PRO C 328 16.74 -10.97 16.19
C PRO C 328 16.60 -11.39 17.64
N HIS C 329 16.19 -12.65 17.84
CA HIS C 329 16.03 -13.22 19.17
C HIS C 329 16.35 -14.71 19.15
N PHE C 330 16.71 -15.24 20.30
CA PHE C 330 16.90 -16.67 20.51
C PHE C 330 15.75 -17.21 21.34
N THR C 331 15.08 -18.26 20.85
CA THR C 331 13.89 -18.77 21.51
C THR C 331 13.92 -20.29 21.51
N CYS C 332 13.17 -20.87 22.45
CA CYS C 332 13.05 -22.31 22.56
C CYS C 332 11.58 -22.65 22.77
N SER C 333 11.32 -23.93 23.00
CA SER C 333 9.94 -24.44 23.03
C SER C 333 9.25 -24.27 24.37
N VAL C 334 9.93 -23.75 25.40
CA VAL C 334 9.34 -23.55 26.71
C VAL C 334 9.34 -22.08 27.12
N ASP C 335 9.67 -21.18 26.22
CA ASP C 335 9.70 -19.76 26.54
C ASP C 335 8.28 -19.20 26.66
N THR C 336 8.14 -18.17 27.49
CA THR C 336 6.87 -17.47 27.66
C THR C 336 7.01 -15.96 27.50
N GLU C 337 8.10 -15.47 26.93
CA GLU C 337 8.36 -14.04 26.83
C GLU C 337 8.15 -13.48 25.43
N ASN C 338 7.55 -14.23 24.51
CA ASN C 338 7.48 -13.79 23.12
C ASN C 338 6.58 -12.56 22.97
N ALA C 339 5.46 -12.52 23.70
CA ALA C 339 4.52 -11.42 23.57
C ALA C 339 5.16 -10.09 23.95
N ARG C 340 5.90 -10.03 25.05
CA ARG C 340 6.61 -8.80 25.40
C ARG C 340 7.60 -8.40 24.32
N ARG C 341 8.27 -9.36 23.71
CA ARG C 341 9.23 -9.04 22.66
C ARG C 341 8.54 -8.34 21.50
N ILE C 342 7.43 -8.91 21.03
CA ILE C 342 6.65 -8.28 19.97
C ILE C 342 6.22 -6.87 20.39
N PHE C 343 5.81 -6.72 21.65
CA PHE C 343 5.31 -5.46 22.16
C PHE C 343 6.37 -4.36 22.12
N ASN C 344 7.57 -4.68 22.62
CA ASN C 344 8.66 -3.71 22.64
C ASN C 344 9.09 -3.33 21.24
N ASP C 345 9.21 -4.31 20.35
CA ASP C 345 9.58 -3.98 18.98
C ASP C 345 8.55 -3.10 18.29
N CYS C 346 7.26 -3.33 18.57
CA CYS C 346 6.23 -2.48 17.98
C CYS C 346 6.31 -1.05 18.50
N ARG C 347 6.60 -0.86 19.79
CA ARG C 347 6.79 0.51 20.26
C ARG C 347 7.94 1.20 19.54
N ASP C 348 9.05 0.48 19.33
CA ASP C 348 10.16 1.12 18.64
C ASP C 348 9.78 1.52 17.22
N ILE C 349 9.06 0.65 16.50
CA ILE C 349 8.64 0.96 15.15
C ILE C 349 7.78 2.23 15.13
N ILE C 350 6.82 2.31 16.04
CA ILE C 350 5.86 3.41 15.98
C ILE C 350 6.52 4.72 16.40
N GLN C 351 7.46 4.69 17.36
CA GLN C 351 8.19 5.93 17.63
C GLN C 351 8.95 6.40 16.41
N ARG C 352 9.58 5.49 15.68
CA ARG C 352 10.33 5.98 14.53
C ARG C 352 9.40 6.63 13.50
N MET C 353 8.19 6.09 13.33
CA MET C 353 7.22 6.75 12.46
C MET C 353 6.86 8.16 12.98
N HIS C 354 6.60 8.28 14.27
CA HIS C 354 6.18 9.58 14.80
C HIS C 354 7.32 10.60 14.78
N LEU C 355 8.57 10.14 14.92
CA LEU C 355 9.70 11.03 14.78
C LEU C 355 9.87 11.48 13.33
N ARG C 356 9.60 10.58 12.37
CA ARG C 356 9.63 11.00 10.99
C ARG C 356 8.59 12.07 10.71
N GLN C 357 7.45 12.01 11.41
CA GLN C 357 6.43 13.04 11.22
C GLN C 357 6.89 14.45 11.60
N TYR C 358 7.85 14.59 12.52
CA TYR C 358 8.36 15.90 12.93
C TYR C 358 9.65 16.28 12.21
N GLU C 359 10.02 15.56 11.15
CA GLU C 359 11.23 15.85 10.39
C GLU C 359 12.47 15.89 11.28
N GLN D 23 5.56 -17.82 -26.59
CA GLN D 23 5.62 -18.98 -25.72
C GLN D 23 7.00 -19.14 -25.12
N VAL D 24 7.10 -19.07 -23.80
CA VAL D 24 8.38 -19.15 -23.11
C VAL D 24 8.96 -20.54 -23.27
N GLN D 25 10.24 -20.62 -23.69
CA GLN D 25 10.91 -21.91 -23.82
C GLN D 25 12.35 -21.84 -23.33
N LEU D 26 12.72 -22.84 -22.53
CA LEU D 26 14.06 -23.02 -22.00
C LEU D 26 14.49 -24.46 -22.28
N GLN D 27 15.69 -24.65 -22.83
CA GLN D 27 16.18 -25.99 -23.19
C GLN D 27 17.60 -26.17 -22.69
N GLU D 28 17.85 -27.27 -21.99
CA GLU D 28 19.15 -27.53 -21.39
C GLU D 28 19.97 -28.49 -22.23
N SER D 29 21.29 -28.45 -22.04
CA SER D 29 22.19 -29.36 -22.73
C SER D 29 23.51 -29.46 -21.99
N GLY D 30 24.18 -30.60 -22.16
CA GLY D 30 25.51 -30.77 -21.65
C GLY D 30 25.69 -31.86 -20.61
N GLY D 31 24.72 -32.74 -20.41
CA GLY D 31 24.79 -33.74 -19.38
C GLY D 31 25.71 -34.88 -19.77
N GLY D 32 25.66 -35.93 -18.97
CA GLY D 32 26.40 -37.13 -19.28
C GLY D 32 26.96 -37.79 -18.03
N LEU D 33 27.95 -38.66 -18.26
CA LEU D 33 28.57 -39.46 -17.22
C LEU D 33 30.07 -39.17 -17.19
N VAL D 34 30.62 -38.99 -15.99
CA VAL D 34 32.04 -38.74 -15.81
C VAL D 34 32.54 -39.49 -14.59
N GLN D 35 33.86 -39.56 -14.46
CA GLN D 35 34.56 -40.11 -13.32
C GLN D 35 34.73 -39.05 -12.25
N PRO D 36 34.96 -39.44 -10.99
CA PRO D 36 35.23 -38.43 -9.96
C PRO D 36 36.50 -37.65 -10.29
N GLY D 37 36.43 -36.33 -10.05
CA GLY D 37 37.49 -35.44 -10.44
C GLY D 37 37.37 -34.89 -11.85
N GLY D 38 36.31 -35.22 -12.58
CA GLY D 38 36.14 -34.77 -13.95
C GLY D 38 35.56 -33.37 -14.03
N SER D 39 35.25 -32.96 -15.26
CA SER D 39 34.82 -31.60 -15.54
C SER D 39 33.90 -31.59 -16.75
N LEU D 40 32.92 -30.68 -16.74
CA LEU D 40 32.08 -30.51 -17.92
C LEU D 40 31.26 -29.23 -17.79
N ARG D 41 30.52 -28.92 -18.86
CA ARG D 41 29.93 -27.60 -19.04
C ARG D 41 28.46 -27.74 -19.42
N LEU D 42 27.60 -26.90 -18.82
CA LEU D 42 26.17 -26.92 -19.06
C LEU D 42 25.70 -25.64 -19.72
N SER D 43 24.84 -25.79 -20.74
CA SER D 43 24.33 -24.66 -21.49
C SER D 43 22.81 -24.66 -21.50
N CYS D 44 22.23 -23.50 -21.14
CA CYS D 44 20.79 -23.26 -21.19
C CYS D 44 20.49 -22.26 -22.30
N ALA D 45 19.66 -22.67 -23.25
CA ALA D 45 19.28 -21.84 -24.39
C ALA D 45 17.82 -21.41 -24.25
N ALA D 46 17.51 -20.21 -24.71
CA ALA D 46 16.24 -19.56 -24.40
C ALA D 46 15.55 -19.03 -25.65
N SER D 47 14.23 -18.89 -25.54
CA SER D 47 13.42 -18.28 -26.58
C SER D 47 12.12 -17.78 -25.99
N GLY D 48 11.64 -16.66 -26.51
CA GLY D 48 10.31 -16.17 -26.17
C GLY D 48 10.23 -14.93 -25.31
N PHE D 49 11.34 -14.24 -25.07
CA PHE D 49 11.33 -13.03 -24.27
C PHE D 49 12.61 -12.25 -24.48
N THR D 50 12.63 -11.02 -24.00
CA THR D 50 13.86 -10.23 -23.97
C THR D 50 14.78 -10.81 -22.90
N PHE D 51 15.98 -11.22 -23.31
CA PHE D 51 16.86 -11.97 -22.42
C PHE D 51 17.49 -11.09 -21.36
N SER D 52 17.60 -9.78 -21.62
CA SER D 52 18.47 -8.91 -20.84
C SER D 52 17.90 -8.49 -19.50
N ASN D 53 16.58 -8.39 -19.36
CA ASN D 53 15.98 -7.73 -18.20
C ASN D 53 15.82 -8.64 -17.01
N TYR D 54 16.14 -9.93 -17.13
CA TYR D 54 15.69 -10.93 -16.18
C TYR D 54 16.85 -11.53 -15.41
N LYS D 55 16.61 -11.78 -14.13
CA LYS D 55 17.56 -12.42 -13.25
C LYS D 55 17.50 -13.93 -13.43
N MET D 56 18.65 -14.61 -13.33
CA MET D 56 18.74 -16.01 -13.74
C MET D 56 19.35 -16.89 -12.66
N ASN D 57 18.97 -18.17 -12.67
CA ASN D 57 19.30 -19.11 -11.60
C ASN D 57 19.58 -20.51 -12.12
N TRP D 58 20.34 -21.28 -11.34
CA TRP D 58 20.57 -22.71 -11.53
C TRP D 58 20.09 -23.50 -10.31
N VAL D 59 19.24 -24.50 -10.56
CA VAL D 59 18.66 -25.38 -9.55
C VAL D 59 18.84 -26.84 -9.98
N ARG D 60 18.77 -27.75 -9.00
CA ARG D 60 19.01 -29.17 -9.26
C ARG D 60 18.19 -30.03 -8.31
N GLN D 61 17.99 -31.29 -8.72
CA GLN D 61 17.18 -32.25 -7.98
C GLN D 61 17.92 -33.58 -7.90
N ALA D 62 18.08 -34.09 -6.68
CA ALA D 62 18.85 -35.28 -6.46
C ALA D 62 17.96 -36.48 -6.19
N PRO D 63 18.45 -37.70 -6.42
CA PRO D 63 17.58 -38.87 -6.37
C PRO D 63 17.06 -39.10 -4.96
N GLY D 64 15.94 -38.46 -4.62
CA GLY D 64 15.27 -38.69 -3.35
C GLY D 64 15.04 -37.45 -2.52
N LYS D 65 15.21 -36.25 -3.06
CA LYS D 65 15.08 -35.01 -2.32
C LYS D 65 14.19 -34.05 -3.08
N GLY D 66 14.11 -32.82 -2.59
CA GLY D 66 13.39 -31.76 -3.25
C GLY D 66 14.28 -30.91 -4.12
N LEU D 67 13.75 -29.77 -4.54
CA LEU D 67 14.47 -28.85 -5.41
C LEU D 67 15.37 -27.94 -4.59
N GLU D 68 16.62 -27.83 -5.01
CA GLU D 68 17.62 -27.02 -4.32
C GLU D 68 18.00 -25.80 -5.14
N TRP D 69 18.91 -25.01 -4.61
CA TRP D 69 19.40 -23.82 -5.31
C TRP D 69 20.92 -23.82 -5.35
N VAL D 70 21.47 -23.64 -6.55
CA VAL D 70 22.91 -23.73 -6.80
C VAL D 70 23.52 -22.36 -7.07
N SER D 71 23.03 -21.66 -8.08
CA SER D 71 23.74 -20.42 -8.42
C SER D 71 22.80 -19.34 -8.94
N ASP D 72 23.30 -18.10 -8.91
CA ASP D 72 22.46 -16.92 -9.20
C ASP D 72 23.31 -15.84 -9.87
N ILE D 73 22.75 -15.22 -10.90
CA ILE D 73 23.41 -14.13 -11.61
C ILE D 73 22.36 -13.08 -12.00
N SER D 74 22.80 -11.82 -12.05
CA SER D 74 21.92 -10.67 -12.19
C SER D 74 21.88 -10.21 -13.66
N GLN D 75 21.23 -9.07 -13.86
CA GLN D 75 20.89 -8.60 -15.21
C GLN D 75 22.14 -8.38 -16.06
N SER D 76 23.15 -7.72 -15.50
CA SER D 76 24.32 -7.32 -16.27
C SER D 76 25.51 -8.25 -16.09
N GLY D 77 25.56 -9.02 -15.01
CA GLY D 77 26.67 -9.89 -14.75
C GLY D 77 27.65 -9.37 -13.73
N ALA D 78 27.36 -8.25 -13.08
CA ALA D 78 28.24 -7.67 -12.08
C ALA D 78 27.92 -8.12 -10.66
N SER D 79 26.94 -8.99 -10.48
CA SER D 79 26.61 -9.52 -9.16
C SER D 79 26.39 -11.02 -9.30
N ILE D 80 27.04 -11.80 -8.45
CA ILE D 80 27.05 -13.26 -8.50
C ILE D 80 26.72 -13.78 -7.12
N SER D 81 26.19 -15.01 -7.05
CA SER D 81 26.01 -15.67 -5.76
C SER D 81 26.03 -17.18 -5.91
N TYR D 82 26.70 -17.84 -4.97
CA TYR D 82 26.87 -19.28 -4.92
C TYR D 82 26.38 -19.84 -3.59
N THR D 83 26.05 -21.12 -3.60
CA THR D 83 25.82 -21.83 -2.36
C THR D 83 27.14 -22.35 -1.82
N GLY D 84 27.13 -22.73 -0.55
CA GLY D 84 28.38 -23.09 0.11
C GLY D 84 29.02 -24.34 -0.48
N SER D 85 28.21 -25.35 -0.77
CA SER D 85 28.75 -26.66 -1.13
C SER D 85 29.46 -26.67 -2.47
N VAL D 86 29.23 -25.67 -3.32
CA VAL D 86 29.90 -25.59 -4.62
C VAL D 86 30.71 -24.31 -4.75
N LYS D 87 31.07 -23.68 -3.63
CA LYS D 87 31.58 -22.31 -3.67
C LYS D 87 32.91 -22.22 -4.39
N GLY D 88 33.79 -23.19 -4.18
CA GLY D 88 35.11 -23.16 -4.79
C GLY D 88 35.28 -23.92 -6.08
N ARG D 89 34.21 -24.44 -6.69
CA ARG D 89 34.39 -25.36 -7.81
C ARG D 89 33.63 -24.98 -9.07
N PHE D 90 32.43 -24.41 -8.96
CA PHE D 90 31.59 -24.17 -10.12
C PHE D 90 31.58 -22.69 -10.46
N THR D 91 31.49 -22.36 -11.75
CA THR D 91 31.55 -20.98 -12.22
C THR D 91 30.36 -20.68 -13.12
N ILE D 92 29.71 -19.53 -12.88
CA ILE D 92 28.51 -19.13 -13.60
C ILE D 92 28.84 -17.98 -14.54
N SER D 93 28.13 -17.93 -15.67
CA SER D 93 28.25 -16.80 -16.57
C SER D 93 26.99 -16.72 -17.44
N ARG D 94 26.77 -15.56 -18.05
CA ARG D 94 25.63 -15.38 -18.94
C ARG D 94 26.09 -14.66 -20.19
N ASP D 95 25.46 -15.00 -21.30
CA ASP D 95 25.67 -14.31 -22.57
C ASP D 95 24.32 -13.75 -22.99
N ASN D 96 24.17 -12.42 -22.86
CA ASN D 96 22.91 -11.76 -23.13
C ASN D 96 22.67 -11.53 -24.62
N ALA D 97 23.71 -11.60 -25.44
CA ALA D 97 23.57 -11.44 -26.88
C ALA D 97 23.32 -12.76 -27.60
N LYS D 98 23.81 -13.87 -27.06
CA LYS D 98 23.57 -15.19 -27.63
C LYS D 98 22.41 -15.90 -26.94
N ASN D 99 21.76 -15.25 -25.99
CA ASN D 99 20.62 -15.82 -25.27
C ASN D 99 20.98 -17.13 -24.59
N THR D 100 22.04 -17.13 -23.80
CA THR D 100 22.48 -18.37 -23.19
C THR D 100 22.93 -18.15 -21.75
N LEU D 101 22.74 -19.17 -20.92
CA LEU D 101 23.31 -19.18 -19.59
C LEU D 101 24.26 -20.37 -19.46
N TYR D 102 25.44 -20.12 -18.89
CA TYR D 102 26.53 -21.08 -18.85
C TYR D 102 26.91 -21.42 -17.43
N LEU D 103 27.22 -22.70 -17.20
CA LEU D 103 27.79 -23.14 -15.93
C LEU D 103 28.96 -24.08 -16.22
N GLN D 104 30.03 -23.96 -15.43
CA GLN D 104 31.26 -24.73 -15.64
C GLN D 104 31.59 -25.49 -14.37
N MET D 105 31.92 -26.78 -14.52
CA MET D 105 32.16 -27.69 -13.39
C MET D 105 33.54 -28.29 -13.52
N ASN D 106 34.34 -28.22 -12.44
CA ASN D 106 35.76 -28.53 -12.45
C ASN D 106 36.13 -29.81 -11.72
N SER D 107 35.60 -30.04 -10.52
CA SER D 107 35.99 -31.20 -9.73
C SER D 107 34.72 -31.76 -9.15
N LEU D 108 34.36 -32.98 -9.51
CA LEU D 108 33.03 -33.46 -9.15
C LEU D 108 33.10 -34.56 -8.11
N LYS D 109 32.18 -34.48 -7.14
CA LYS D 109 31.98 -35.50 -6.13
C LYS D 109 30.82 -36.39 -6.50
N PRO D 110 30.75 -37.60 -5.94
CA PRO D 110 29.56 -38.45 -6.16
C PRO D 110 28.27 -37.84 -5.65
N GLU D 111 28.34 -36.89 -4.71
CA GLU D 111 27.15 -36.22 -4.20
C GLU D 111 26.61 -35.14 -5.12
N ASP D 112 27.00 -35.15 -6.39
CA ASP D 112 26.49 -34.19 -7.37
C ASP D 112 25.62 -34.83 -8.44
N THR D 113 25.39 -36.14 -8.38
CA THR D 113 24.58 -36.81 -9.38
C THR D 113 23.15 -36.31 -9.31
N ALA D 114 22.67 -35.68 -10.37
CA ALA D 114 21.36 -35.05 -10.25
C ALA D 114 20.79 -34.69 -11.60
N VAL D 115 19.61 -34.08 -11.58
CA VAL D 115 19.01 -33.47 -12.76
C VAL D 115 19.07 -31.96 -12.60
N TYR D 116 19.51 -31.27 -13.66
CA TYR D 116 19.79 -29.84 -13.62
C TYR D 116 18.79 -29.05 -14.46
N TYR D 117 18.29 -27.95 -13.88
CA TYR D 117 17.37 -27.02 -14.52
C TYR D 117 17.89 -25.59 -14.40
N CYS D 118 17.63 -24.80 -15.44
CA CYS D 118 17.86 -23.37 -15.46
C CYS D 118 16.54 -22.64 -15.27
N ALA D 119 16.57 -21.57 -14.48
CA ALA D 119 15.32 -20.97 -14.03
C ALA D 119 15.35 -19.46 -14.19
N ARG D 120 14.17 -18.92 -14.48
CA ARG D 120 13.93 -17.51 -14.78
C ARG D 120 13.23 -16.83 -13.60
N CYS D 121 12.83 -15.61 -13.82
CA CYS D 121 12.10 -14.86 -12.81
C CYS D 121 10.75 -14.41 -13.38
N PRO D 122 9.77 -14.16 -12.52
CA PRO D 122 8.43 -13.81 -13.04
C PRO D 122 8.31 -12.39 -13.55
N ALA D 123 9.13 -11.45 -13.09
CA ALA D 123 8.93 -10.05 -13.42
C ALA D 123 10.22 -9.43 -13.92
N PRO D 124 10.16 -8.46 -14.83
CA PRO D 124 11.35 -7.72 -15.20
C PRO D 124 11.63 -6.57 -14.25
N PHE D 125 12.88 -6.12 -14.24
CA PHE D 125 13.31 -4.95 -13.47
C PHE D 125 13.06 -5.14 -11.98
N THR D 126 13.54 -6.25 -11.41
CA THR D 126 13.22 -6.60 -10.03
C THR D 126 14.42 -7.28 -9.40
N ARG D 127 14.54 -7.14 -8.08
CA ARG D 127 15.59 -7.77 -7.30
C ARG D 127 15.11 -8.91 -6.43
N ASP D 128 13.81 -9.03 -6.21
CA ASP D 128 13.28 -10.19 -5.52
C ASP D 128 12.96 -11.30 -6.51
N CYS D 129 12.87 -12.52 -6.00
CA CYS D 129 12.71 -13.69 -6.86
C CYS D 129 11.94 -14.75 -6.08
N PHE D 130 10.63 -14.82 -6.29
CA PHE D 130 9.77 -15.77 -5.61
C PHE D 130 9.53 -17.00 -6.50
N ASP D 131 9.28 -18.12 -5.84
CA ASP D 131 8.62 -19.28 -6.45
C ASP D 131 9.44 -19.90 -7.58
N VAL D 132 10.72 -20.13 -7.36
CA VAL D 132 11.53 -20.78 -8.40
C VAL D 132 11.65 -22.27 -8.14
N THR D 133 11.82 -22.66 -6.87
CA THR D 133 12.04 -24.05 -6.50
C THR D 133 10.74 -24.78 -6.19
N SER D 134 9.61 -24.27 -6.67
CA SER D 134 8.34 -24.86 -6.30
C SER D 134 8.08 -26.11 -7.12
N THR D 135 7.10 -26.89 -6.65
CA THR D 135 6.77 -28.15 -7.32
C THR D 135 6.30 -27.90 -8.75
N THR D 136 5.48 -26.87 -8.93
CA THR D 136 5.11 -26.40 -10.26
C THR D 136 5.49 -24.93 -10.37
N TYR D 137 6.18 -24.59 -11.45
CA TYR D 137 6.54 -23.22 -11.77
C TYR D 137 6.45 -23.11 -13.28
N ALA D 138 5.92 -21.99 -13.77
CA ALA D 138 5.61 -21.88 -15.19
C ALA D 138 6.86 -21.89 -16.07
N TYR D 139 7.88 -21.14 -15.72
CA TYR D 139 8.99 -20.84 -16.62
C TYR D 139 10.24 -21.61 -16.17
N ARG D 140 10.34 -22.85 -16.61
CA ARG D 140 11.41 -23.74 -16.21
C ARG D 140 11.53 -24.85 -17.25
N GLY D 141 12.76 -25.31 -17.48
CA GLY D 141 13.01 -26.25 -18.54
C GLY D 141 12.85 -27.69 -18.10
N GLN D 142 13.14 -28.60 -19.06
CA GLN D 142 12.95 -30.02 -18.84
C GLN D 142 14.08 -30.69 -18.06
N GLY D 143 15.32 -30.23 -18.24
CA GLY D 143 16.43 -30.66 -17.42
C GLY D 143 17.41 -31.57 -18.13
N THR D 144 18.57 -31.77 -17.49
CA THR D 144 19.59 -32.66 -18.02
C THR D 144 20.18 -33.50 -16.89
N GLN D 145 20.67 -34.69 -17.24
CA GLN D 145 21.14 -35.66 -16.26
C GLN D 145 22.66 -35.63 -16.16
N VAL D 146 23.18 -35.66 -14.92
CA VAL D 146 24.60 -35.65 -14.65
C VAL D 146 24.90 -36.78 -13.67
N THR D 147 25.80 -37.68 -14.06
CA THR D 147 26.18 -38.81 -13.23
C THR D 147 27.70 -38.86 -13.09
N VAL D 148 28.16 -39.06 -11.87
CA VAL D 148 29.58 -39.22 -11.57
C VAL D 148 29.75 -40.53 -10.82
N SER D 149 30.53 -41.44 -11.39
CA SER D 149 30.77 -42.74 -10.78
C SER D 149 31.98 -43.43 -11.41
N GLU E 8 4.55 -44.31 -25.55
CA GLU E 8 4.90 -43.98 -24.17
C GLU E 8 4.91 -42.47 -23.95
N LEU E 9 5.58 -42.03 -22.89
CA LEU E 9 5.67 -40.61 -22.58
C LEU E 9 6.42 -39.85 -23.66
N ASP E 10 7.54 -40.41 -24.14
CA ASP E 10 8.33 -39.73 -25.16
C ASP E 10 7.56 -39.60 -26.46
N GLN E 11 6.84 -40.65 -26.87
CA GLN E 11 6.01 -40.57 -28.07
C GLN E 11 4.94 -39.50 -27.93
N LEU E 12 4.30 -39.43 -26.76
CA LEU E 12 3.28 -38.42 -26.53
C LEU E 12 3.86 -37.02 -26.59
N ARG E 13 5.06 -36.82 -26.02
CA ARG E 13 5.68 -35.50 -26.07
C ARG E 13 6.06 -35.11 -27.49
N GLN E 14 6.56 -36.08 -28.27
CA GLN E 14 6.87 -35.81 -29.68
C GLN E 14 5.60 -35.45 -30.45
N GLU E 15 4.49 -36.16 -30.20
CA GLU E 15 3.24 -35.81 -30.83
C GLU E 15 2.80 -34.41 -30.44
N ALA E 16 2.97 -34.05 -29.16
CA ALA E 16 2.59 -32.71 -28.72
C ALA E 16 3.39 -31.65 -29.46
N GLU E 17 4.70 -31.87 -29.59
CA GLU E 17 5.54 -30.92 -30.34
C GLU E 17 5.11 -30.83 -31.80
N GLN E 18 4.81 -31.96 -32.43
CA GLN E 18 4.41 -31.95 -33.83
C GLN E 18 3.11 -31.18 -34.04
N LEU E 19 2.11 -31.42 -33.20
CA LEU E 19 0.86 -30.67 -33.32
C LEU E 19 1.04 -29.20 -32.99
N LYS E 20 1.94 -28.87 -32.06
CA LYS E 20 2.23 -27.46 -31.82
C LYS E 20 2.82 -26.79 -33.05
N ASN E 21 3.75 -27.47 -33.73
CA ASN E 21 4.31 -26.93 -34.97
C ASN E 21 3.25 -26.76 -36.04
N GLN E 22 2.35 -27.73 -36.18
CA GLN E 22 1.30 -27.63 -37.18
C GLN E 22 0.38 -26.45 -36.88
N ILE E 23 0.04 -26.25 -35.59
CA ILE E 23 -0.76 -25.11 -35.20
C ILE E 23 -0.04 -23.81 -35.54
N ARG E 24 1.27 -23.77 -35.28
CA ARG E 24 2.04 -22.57 -35.59
C ARG E 24 1.99 -22.26 -37.08
N ASP E 25 2.14 -23.28 -37.92
CA ASP E 25 2.07 -23.07 -39.36
C ASP E 25 0.68 -22.59 -39.80
N ALA E 26 -0.37 -23.19 -39.23
CA ALA E 26 -1.72 -22.75 -39.56
C ALA E 26 -1.94 -21.29 -39.20
N ARG E 27 -1.45 -20.87 -38.03
CA ARG E 27 -1.66 -19.48 -37.61
C ARG E 27 -0.77 -18.52 -38.41
N LYS E 28 0.40 -18.97 -38.85
CA LYS E 28 1.24 -18.12 -39.68
C LYS E 28 0.65 -17.95 -41.07
N ALA E 29 -0.09 -18.97 -41.55
CA ALA E 29 -0.63 -18.92 -42.91
C ALA E 29 -1.79 -17.95 -43.06
N CYS E 30 -2.30 -17.38 -41.97
CA CYS E 30 -3.52 -16.58 -42.02
C CYS E 30 -3.28 -15.07 -41.98
N ALA E 31 -2.11 -14.61 -41.56
CA ALA E 31 -1.87 -13.18 -41.39
C ALA E 31 -1.46 -12.54 -42.71
N ASP E 32 -2.47 -12.23 -43.52
CA ASP E 32 -2.26 -11.62 -44.82
C ASP E 32 -2.34 -10.10 -44.80
N ALA E 33 -2.61 -9.50 -43.64
CA ALA E 33 -2.74 -8.05 -43.56
C ALA E 33 -2.41 -7.61 -42.15
N THR E 34 -2.11 -6.31 -42.02
CA THR E 34 -1.73 -5.70 -40.75
C THR E 34 -2.85 -4.77 -40.29
N LEU E 35 -3.18 -4.84 -38.99
CA LEU E 35 -4.21 -3.95 -38.46
C LEU E 35 -3.79 -2.49 -38.57
N SER E 36 -2.52 -2.20 -38.29
CA SER E 36 -2.06 -0.82 -38.29
C SER E 36 -1.92 -0.25 -39.69
N GLN E 37 -1.84 -1.08 -40.72
CA GLN E 37 -1.69 -0.58 -42.08
C GLN E 37 -3.04 -0.25 -42.71
N ILE E 38 -4.09 -1.03 -42.42
CA ILE E 38 -5.42 -0.68 -42.88
C ILE E 38 -5.89 0.59 -42.17
N THR E 39 -5.63 0.68 -40.86
CA THR E 39 -6.04 1.81 -40.05
C THR E 39 -5.08 3.00 -40.16
N ASN E 40 -4.20 3.00 -41.16
CA ASN E 40 -3.28 4.12 -41.34
C ASN E 40 -4.00 5.41 -41.69
N ASN E 41 -5.18 5.31 -42.30
CA ASN E 41 -5.91 6.46 -42.79
C ASN E 41 -7.04 6.92 -41.86
N ILE E 42 -7.12 6.37 -40.65
CA ILE E 42 -8.18 6.73 -39.72
C ILE E 42 -7.79 8.01 -38.99
N ASP E 43 -8.78 8.88 -38.74
CA ASP E 43 -8.53 10.12 -38.04
C ASP E 43 -8.27 9.87 -36.56
N PRO E 44 -7.24 10.49 -35.97
CA PRO E 44 -7.05 10.40 -34.52
C PRO E 44 -8.16 11.13 -33.78
N VAL E 45 -8.47 10.63 -32.58
CA VAL E 45 -9.59 11.18 -31.83
C VAL E 45 -9.27 12.54 -31.25
N GLY E 46 -7.99 12.89 -31.17
CA GLY E 46 -7.61 14.14 -30.54
C GLY E 46 -7.24 13.97 -29.08
N ARG E 47 -7.22 15.08 -28.37
CA ARG E 47 -6.88 15.10 -26.95
C ARG E 47 -8.15 14.99 -26.13
N ILE E 48 -8.20 14.01 -25.23
CA ILE E 48 -9.36 13.76 -24.39
C ILE E 48 -9.02 14.19 -22.97
N GLN E 49 -9.58 15.33 -22.57
CA GLN E 49 -9.42 15.85 -21.22
C GLN E 49 -10.69 15.57 -20.44
N MET E 50 -10.52 15.02 -19.24
CA MET E 50 -11.64 14.61 -18.41
C MET E 50 -11.44 15.20 -17.03
N ARG E 51 -12.54 15.55 -16.38
CA ARG E 51 -12.51 16.23 -15.10
C ARG E 51 -13.35 15.49 -14.09
N THR E 52 -12.97 15.61 -12.82
CA THR E 52 -13.72 14.96 -11.78
C THR E 52 -15.02 15.72 -11.51
N ARG E 53 -16.11 14.97 -11.38
CA ARG E 53 -17.39 15.55 -11.03
C ARG E 53 -17.78 15.32 -9.59
N ARG E 54 -17.43 14.17 -9.03
CA ARG E 54 -17.67 13.86 -7.63
C ARG E 54 -16.46 13.10 -7.09
N THR E 55 -16.26 13.20 -5.78
CA THR E 55 -15.25 12.41 -5.08
C THR E 55 -15.90 11.80 -3.86
N LEU E 56 -15.98 10.47 -3.83
CA LEU E 56 -16.70 9.74 -2.81
C LEU E 56 -15.72 9.31 -1.73
N ARG E 57 -15.97 9.75 -0.50
CA ARG E 57 -15.10 9.52 0.63
C ARG E 57 -15.81 8.69 1.71
N GLY E 58 -15.04 7.90 2.44
CA GLY E 58 -15.62 7.09 3.49
C GLY E 58 -14.99 5.74 3.79
N HIS E 59 -14.19 5.18 2.89
CA HIS E 59 -13.48 3.95 3.20
C HIS E 59 -12.28 4.24 4.09
N LEU E 60 -11.77 3.20 4.75
CA LEU E 60 -10.68 3.32 5.71
C LEU E 60 -9.39 2.67 5.26
N ALA E 61 -9.36 2.03 4.09
CA ALA E 61 -8.18 1.34 3.63
C ALA E 61 -8.27 1.22 2.11
N LYS E 62 -7.42 0.36 1.55
CA LYS E 62 -7.40 0.15 0.12
C LYS E 62 -8.75 -0.30 -0.42
N ILE E 63 -9.19 0.32 -1.49
CA ILE E 63 -10.33 -0.15 -2.26
C ILE E 63 -9.83 -1.20 -3.24
N TYR E 64 -10.44 -2.38 -3.24
CA TYR E 64 -9.84 -3.46 -4.01
C TYR E 64 -10.70 -3.96 -5.16
N ALA E 65 -12.01 -3.68 -5.16
CA ALA E 65 -12.88 -4.04 -6.27
C ALA E 65 -14.05 -3.06 -6.37
N MET E 66 -14.69 -3.03 -7.54
CA MET E 66 -15.76 -2.09 -7.83
C MET E 66 -16.61 -2.67 -8.95
N HIS E 67 -17.87 -2.24 -9.03
CA HIS E 67 -18.80 -2.73 -10.05
C HIS E 67 -19.98 -1.79 -10.18
N TRP E 68 -20.35 -1.47 -11.43
CA TRP E 68 -21.49 -0.60 -11.72
C TRP E 68 -22.78 -1.41 -11.72
N GLY E 69 -23.91 -0.70 -11.64
CA GLY E 69 -25.20 -1.34 -11.66
C GLY E 69 -25.89 -1.24 -13.00
N THR E 70 -26.89 -2.09 -13.19
CA THR E 70 -27.66 -2.08 -14.43
C THR E 70 -28.36 -0.74 -14.54
N ASP E 71 -29.01 -0.28 -13.48
CA ASP E 71 -29.32 1.13 -13.39
C ASP E 71 -27.97 1.84 -13.37
N SER E 72 -27.80 2.82 -14.26
CA SER E 72 -26.50 3.47 -14.36
C SER E 72 -26.24 4.44 -13.22
N ARG E 73 -26.94 4.28 -12.09
CA ARG E 73 -26.93 5.27 -11.01
C ARG E 73 -26.37 4.73 -9.70
N LEU E 74 -26.31 3.41 -9.52
CA LEU E 74 -25.91 2.81 -8.25
C LEU E 74 -24.62 2.02 -8.38
N LEU E 75 -23.77 2.08 -7.34
CA LEU E 75 -22.48 1.40 -7.32
C LEU E 75 -22.32 0.54 -6.07
N VAL E 76 -21.45 -0.47 -6.17
CA VAL E 76 -21.01 -1.25 -5.02
C VAL E 76 -19.49 -1.23 -4.97
N SER E 77 -18.92 -1.14 -3.76
CA SER E 77 -17.49 -1.03 -3.59
C SER E 77 -17.04 -1.82 -2.37
N ALA E 78 -15.82 -2.37 -2.43
CA ALA E 78 -15.32 -3.26 -1.39
C ALA E 78 -13.93 -2.84 -0.95
N SER E 79 -13.70 -2.89 0.37
CA SER E 79 -12.43 -2.47 0.93
C SER E 79 -11.91 -3.54 1.88
N GLN E 80 -10.58 -3.55 2.08
CA GLN E 80 -9.97 -4.48 3.02
C GLN E 80 -9.99 -4.02 4.47
N ASP E 81 -10.78 -3.01 4.79
CA ASP E 81 -11.09 -2.81 6.20
C ASP E 81 -12.31 -3.61 6.63
N GLY E 82 -12.98 -4.26 5.68
CA GLY E 82 -14.11 -5.11 5.98
C GLY E 82 -15.47 -4.56 5.60
N LYS E 83 -15.56 -3.72 4.56
CA LYS E 83 -16.80 -3.05 4.22
C LYS E 83 -17.20 -3.27 2.76
N LEU E 84 -18.51 -3.36 2.57
CA LEU E 84 -19.15 -3.31 1.25
C LEU E 84 -20.16 -2.18 1.25
N ILE E 85 -19.92 -1.14 0.46
CA ILE E 85 -20.75 0.07 0.48
C ILE E 85 -21.49 0.21 -0.86
N ILE E 86 -22.76 0.60 -0.80
CA ILE E 86 -23.60 0.80 -1.97
C ILE E 86 -23.96 2.27 -2.05
N TRP E 87 -23.46 2.93 -3.11
CA TRP E 87 -23.53 4.36 -3.34
C TRP E 87 -24.59 4.72 -4.36
N ASP E 88 -25.11 5.94 -4.24
CA ASP E 88 -25.83 6.63 -5.32
C ASP E 88 -24.88 7.70 -5.85
N SER E 89 -24.57 7.64 -7.14
CA SER E 89 -23.56 8.49 -7.72
C SER E 89 -24.09 9.83 -8.19
N TYR E 90 -25.42 10.02 -8.24
CA TYR E 90 -25.98 11.30 -8.63
C TYR E 90 -25.89 12.34 -7.53
N THR E 91 -26.10 11.93 -6.29
CA THR E 91 -26.16 12.83 -5.15
C THR E 91 -25.07 12.55 -4.12
N THR E 92 -24.25 11.52 -4.34
CA THR E 92 -23.18 11.13 -3.42
C THR E 92 -23.73 10.67 -2.07
N ASN E 93 -25.00 10.26 -2.06
CA ASN E 93 -25.62 9.69 -0.88
C ASN E 93 -25.15 8.26 -0.71
N LYS E 94 -25.32 7.74 0.51
CA LYS E 94 -25.06 6.34 0.80
C LYS E 94 -26.39 5.63 0.98
N VAL E 95 -26.59 4.54 0.25
CA VAL E 95 -27.79 3.74 0.33
C VAL E 95 -27.61 2.54 1.25
N HIS E 96 -26.45 1.87 1.17
CA HIS E 96 -26.23 0.73 2.06
C HIS E 96 -24.77 0.66 2.50
N ALA E 97 -24.55 0.01 3.65
CA ALA E 97 -23.21 -0.32 4.11
C ALA E 97 -23.28 -1.63 4.89
N ILE E 98 -22.57 -2.64 4.42
CA ILE E 98 -22.66 -4.02 4.91
C ILE E 98 -21.31 -4.40 5.51
N PRO E 99 -21.27 -4.91 6.74
CA PRO E 99 -20.04 -5.50 7.26
C PRO E 99 -19.91 -6.95 6.84
N LEU E 100 -18.66 -7.42 6.80
CA LEU E 100 -18.35 -8.75 6.33
C LEU E 100 -17.76 -9.60 7.45
N ARG E 101 -17.83 -10.91 7.25
CA ARG E 101 -17.23 -11.86 8.19
C ARG E 101 -15.72 -11.99 8.03
N SER E 102 -15.21 -11.91 6.80
CA SER E 102 -13.78 -12.00 6.55
C SER E 102 -13.31 -10.67 5.97
N SER E 103 -12.20 -10.16 6.49
CA SER E 103 -11.77 -8.81 6.14
C SER E 103 -11.11 -8.73 4.78
N TRP E 104 -10.47 -9.80 4.31
CA TRP E 104 -9.71 -9.75 3.06
C TRP E 104 -10.62 -10.12 1.89
N VAL E 105 -11.02 -9.10 1.16
CA VAL E 105 -11.93 -9.20 0.04
C VAL E 105 -11.18 -8.86 -1.24
N MET E 106 -11.47 -9.59 -2.31
CA MET E 106 -10.80 -9.38 -3.58
C MET E 106 -11.73 -9.22 -4.77
N THR E 107 -13.05 -9.35 -4.60
CA THR E 107 -13.98 -9.19 -5.71
C THR E 107 -15.37 -8.86 -5.20
N CYS E 108 -16.22 -8.37 -6.11
CA CYS E 108 -17.62 -8.09 -5.81
C CYS E 108 -18.40 -8.01 -7.12
N ALA E 109 -19.72 -8.04 -7.02
CA ALA E 109 -20.57 -7.97 -8.20
C ALA E 109 -21.99 -7.53 -7.84
N TYR E 110 -22.66 -6.94 -8.83
CA TYR E 110 -24.12 -6.80 -8.88
C TYR E 110 -24.80 -7.93 -9.64
N ALA E 111 -26.08 -8.09 -9.38
CA ALA E 111 -26.93 -8.97 -10.18
C ALA E 111 -27.74 -8.14 -11.16
N PRO E 112 -28.03 -8.67 -12.34
CA PRO E 112 -28.75 -7.88 -13.36
C PRO E 112 -30.11 -7.37 -12.90
N SER E 113 -30.79 -8.07 -12.00
CA SER E 113 -32.09 -7.62 -11.53
C SER E 113 -32.00 -6.66 -10.36
N GLY E 114 -30.81 -6.47 -9.79
CA GLY E 114 -30.64 -5.54 -8.70
C GLY E 114 -31.05 -6.04 -7.34
N ASN E 115 -31.24 -7.36 -7.19
CA ASN E 115 -31.71 -7.89 -5.92
C ASN E 115 -30.61 -8.50 -5.06
N TYR E 116 -29.48 -8.89 -5.65
CA TYR E 116 -28.44 -9.58 -4.89
C TYR E 116 -27.08 -8.98 -5.17
N VAL E 117 -26.15 -9.19 -4.23
CA VAL E 117 -24.74 -8.93 -4.45
C VAL E 117 -23.92 -10.13 -3.97
N ALA E 118 -22.63 -10.14 -4.32
CA ALA E 118 -21.76 -11.26 -3.98
C ALA E 118 -20.36 -10.75 -3.63
N CYS E 119 -19.63 -11.55 -2.86
CA CYS E 119 -18.26 -11.20 -2.47
C CYS E 119 -17.44 -12.45 -2.21
N GLY E 120 -16.12 -12.28 -2.19
CA GLY E 120 -15.19 -13.38 -1.93
C GLY E 120 -13.79 -12.86 -1.72
N GLY E 121 -12.92 -13.74 -1.22
CA GLY E 121 -11.54 -13.39 -0.95
C GLY E 121 -10.63 -14.54 -0.54
N LEU E 122 -9.72 -14.29 0.43
CA LEU E 122 -8.72 -15.29 0.80
C LEU E 122 -9.35 -16.53 1.39
N ASP E 123 -10.34 -16.39 2.26
CA ASP E 123 -11.14 -17.52 2.67
C ASP E 123 -11.94 -18.00 1.47
N ASN E 124 -11.81 -19.29 1.13
CA ASN E 124 -12.20 -19.79 -0.18
C ASN E 124 -13.72 -19.98 -0.29
N ILE E 125 -14.45 -18.88 -0.13
CA ILE E 125 -15.91 -18.90 -0.01
C ILE E 125 -16.50 -17.76 -0.80
N CYS E 126 -17.65 -18.00 -1.43
CA CYS E 126 -18.41 -16.94 -2.09
C CYS E 126 -19.70 -16.69 -1.30
N SER E 127 -19.89 -15.45 -0.86
CA SER E 127 -21.03 -15.08 -0.04
C SER E 127 -22.02 -14.26 -0.85
N ILE E 128 -23.30 -14.64 -0.79
CA ILE E 128 -24.37 -14.03 -1.58
C ILE E 128 -25.38 -13.39 -0.65
N TYR E 129 -25.65 -12.10 -0.88
CA TYR E 129 -26.43 -11.21 -0.03
C TYR E 129 -27.69 -10.75 -0.74
N ASN E 130 -28.76 -10.63 0.05
CA ASN E 130 -30.10 -10.27 -0.43
C ASN E 130 -30.37 -8.81 -0.06
N LEU E 131 -30.77 -8.02 -1.04
CA LEU E 131 -31.02 -6.60 -0.83
C LEU E 131 -32.47 -6.29 -0.51
N LYS E 132 -33.42 -7.00 -1.08
CA LYS E 132 -34.84 -6.71 -0.94
C LYS E 132 -35.44 -7.76 -0.02
N THR E 133 -35.68 -7.40 1.24
CA THR E 133 -36.26 -8.32 2.20
C THR E 133 -37.59 -7.79 2.70
N ARG E 134 -38.25 -8.58 3.54
CA ARG E 134 -39.49 -8.13 4.17
C ARG E 134 -39.25 -6.92 5.05
N GLU E 135 -38.17 -6.96 5.84
CA GLU E 135 -37.73 -5.80 6.58
C GLU E 135 -36.76 -4.99 5.73
N GLY E 136 -36.19 -3.94 6.31
CA GLY E 136 -35.22 -3.12 5.62
C GLY E 136 -33.78 -3.58 5.74
N ASN E 137 -33.55 -4.77 6.29
CA ASN E 137 -32.21 -5.23 6.57
C ASN E 137 -31.67 -6.10 5.43
N VAL E 138 -30.36 -5.98 5.20
CA VAL E 138 -29.65 -6.81 4.24
C VAL E 138 -28.97 -7.94 4.98
N ARG E 139 -29.32 -9.18 4.64
CA ARG E 139 -28.83 -10.34 5.36
C ARG E 139 -28.24 -11.36 4.39
N VAL E 140 -27.45 -12.28 4.95
CA VAL E 140 -26.72 -13.26 4.15
C VAL E 140 -27.64 -14.41 3.80
N SER E 141 -27.74 -14.71 2.51
CA SER E 141 -28.56 -15.81 2.02
C SER E 141 -27.77 -17.07 1.71
N ARG E 142 -26.56 -16.97 1.15
CA ARG E 142 -25.85 -18.19 0.79
C ARG E 142 -24.35 -18.08 1.05
N GLU E 143 -23.76 -19.20 1.45
CA GLU E 143 -22.31 -19.38 1.56
C GLU E 143 -21.91 -20.57 0.70
N LEU E 144 -21.21 -20.32 -0.39
CA LEU E 144 -20.81 -21.35 -1.34
C LEU E 144 -19.36 -21.74 -1.10
N ALA E 145 -19.14 -23.05 -0.93
CA ALA E 145 -17.86 -23.62 -0.56
C ALA E 145 -17.52 -24.83 -1.44
N GLY E 146 -16.23 -25.09 -1.61
CA GLY E 146 -15.78 -26.16 -2.48
C GLY E 146 -14.47 -25.90 -3.20
N HIS E 147 -13.98 -24.66 -3.17
CA HIS E 147 -12.69 -24.33 -3.77
C HIS E 147 -11.55 -24.62 -2.80
N THR E 148 -10.36 -24.82 -3.37
CA THR E 148 -9.15 -25.02 -2.58
C THR E 148 -8.16 -23.87 -2.73
N GLY E 149 -8.63 -22.67 -3.08
CA GLY E 149 -7.79 -21.50 -3.17
C GLY E 149 -8.64 -20.25 -3.13
N TYR E 150 -7.98 -19.11 -3.06
CA TYR E 150 -8.67 -17.85 -2.93
C TYR E 150 -9.46 -17.53 -4.20
N LEU E 151 -10.57 -16.82 -4.03
CA LEU E 151 -11.39 -16.39 -5.16
C LEU E 151 -10.84 -15.11 -5.75
N SER E 152 -10.75 -15.07 -7.08
CA SER E 152 -10.29 -13.88 -7.77
C SER E 152 -11.39 -13.07 -8.41
N CYS E 153 -12.44 -13.70 -8.95
CA CYS E 153 -13.48 -12.98 -9.64
C CYS E 153 -14.79 -13.77 -9.59
N CYS E 154 -15.91 -13.05 -9.68
CA CYS E 154 -17.24 -13.65 -9.70
C CYS E 154 -18.21 -12.73 -10.40
N ARG E 155 -19.07 -13.32 -11.23
CA ARG E 155 -20.05 -12.57 -12.01
C ARG E 155 -21.33 -13.37 -12.13
N PHE E 156 -22.47 -12.68 -12.00
CA PHE E 156 -23.77 -13.31 -12.05
C PHE E 156 -24.19 -13.58 -13.49
N LEU E 157 -25.05 -14.58 -13.68
CA LEU E 157 -25.73 -14.81 -14.96
C LEU E 157 -27.22 -14.56 -14.87
N ASP E 158 -27.86 -15.09 -13.83
CA ASP E 158 -29.23 -14.79 -13.47
C ASP E 158 -29.32 -14.85 -11.95
N ASP E 159 -30.53 -14.92 -11.43
CA ASP E 159 -30.71 -14.96 -9.98
C ASP E 159 -30.39 -16.32 -9.38
N ASN E 160 -30.10 -17.34 -10.19
CA ASN E 160 -29.91 -18.69 -9.69
C ASN E 160 -28.67 -19.36 -10.30
N GLN E 161 -27.80 -18.62 -10.98
CA GLN E 161 -26.57 -19.19 -11.50
C GLN E 161 -25.40 -18.21 -11.34
N ILE E 162 -24.26 -18.71 -10.89
CA ILE E 162 -23.08 -17.85 -10.68
C ILE E 162 -21.83 -18.57 -11.20
N VAL E 163 -20.79 -17.80 -11.53
CA VAL E 163 -19.51 -18.32 -12.02
C VAL E 163 -18.40 -17.81 -11.12
N THR E 164 -17.48 -18.71 -10.73
CA THR E 164 -16.35 -18.32 -9.89
C THR E 164 -15.02 -18.81 -10.47
N SER E 165 -13.98 -18.00 -10.26
CA SER E 165 -12.62 -18.32 -10.64
C SER E 165 -11.71 -18.21 -9.43
N SER E 166 -10.73 -19.11 -9.35
CA SER E 166 -9.99 -19.29 -8.12
C SER E 166 -8.51 -19.46 -8.41
N GLY E 167 -7.71 -19.33 -7.36
CA GLY E 167 -6.28 -19.49 -7.39
C GLY E 167 -5.76 -20.89 -7.25
N ASP E 168 -6.63 -21.89 -7.38
CA ASP E 168 -6.23 -23.29 -7.41
C ASP E 168 -6.14 -23.87 -8.82
N THR E 169 -6.33 -23.04 -9.85
CA THR E 169 -6.25 -23.34 -11.29
C THR E 169 -7.56 -23.80 -11.93
N THR E 170 -8.71 -23.70 -11.28
CA THR E 170 -9.97 -24.18 -11.84
C THR E 170 -11.04 -23.10 -11.78
N CYS E 171 -12.08 -23.27 -12.61
CA CYS E 171 -13.26 -22.41 -12.56
C CYS E 171 -14.51 -23.27 -12.37
N ALA E 172 -15.57 -22.66 -11.85
CA ALA E 172 -16.76 -23.42 -11.45
C ALA E 172 -18.03 -22.66 -11.78
N LEU E 173 -19.10 -23.41 -12.09
CA LEU E 173 -20.45 -22.87 -12.25
C LEU E 173 -21.35 -23.42 -11.15
N TRP E 174 -22.03 -22.54 -10.42
CA TRP E 174 -22.77 -22.90 -9.21
C TRP E 174 -24.26 -22.59 -9.37
N ASP E 175 -25.07 -23.48 -8.82
CA ASP E 175 -26.52 -23.31 -8.67
C ASP E 175 -26.83 -22.88 -7.25
N ILE E 176 -27.47 -21.72 -7.10
CA ILE E 176 -27.54 -21.06 -5.80
C ILE E 176 -28.55 -21.76 -4.90
N GLU E 177 -29.69 -22.17 -5.46
CA GLU E 177 -30.78 -22.69 -4.63
C GLU E 177 -30.39 -23.97 -3.91
N THR E 178 -29.67 -24.86 -4.59
CA THR E 178 -29.21 -26.08 -3.94
C THR E 178 -27.91 -25.87 -3.19
N GLY E 179 -26.92 -25.24 -3.82
CA GLY E 179 -25.64 -25.02 -3.18
C GLY E 179 -24.56 -25.98 -3.59
N GLN E 180 -24.50 -26.35 -4.86
CA GLN E 180 -23.53 -27.32 -5.33
C GLN E 180 -23.18 -27.05 -6.78
N GLN E 181 -22.03 -27.56 -7.20
CA GLN E 181 -21.52 -27.27 -8.53
C GLN E 181 -22.24 -28.09 -9.57
N THR E 182 -22.53 -27.47 -10.70
CA THR E 182 -23.04 -28.18 -11.85
C THR E 182 -21.96 -28.52 -12.87
N THR E 183 -20.89 -27.75 -12.94
CA THR E 183 -19.81 -28.06 -13.85
C THR E 183 -18.52 -27.36 -13.42
N THR E 184 -17.40 -28.02 -13.69
CA THR E 184 -16.07 -27.56 -13.30
C THR E 184 -15.14 -27.58 -14.51
N PHE E 185 -14.41 -26.48 -14.73
CA PHE E 185 -13.54 -26.30 -15.88
C PHE E 185 -12.09 -26.30 -15.41
N THR E 186 -11.28 -27.18 -16.00
CA THR E 186 -9.88 -27.38 -15.65
C THR E 186 -9.01 -27.32 -16.90
N GLY E 187 -7.73 -27.04 -16.70
CA GLY E 187 -6.81 -26.92 -17.83
C GLY E 187 -5.69 -25.92 -17.68
N HIS E 188 -5.82 -24.97 -16.76
CA HIS E 188 -4.73 -24.03 -16.52
C HIS E 188 -3.64 -24.67 -15.69
N THR E 189 -2.46 -24.04 -15.68
CA THR E 189 -1.35 -24.49 -14.85
C THR E 189 -1.09 -23.59 -13.66
N GLY E 190 -1.27 -22.28 -13.81
CA GLY E 190 -1.18 -21.35 -12.70
C GLY E 190 -2.54 -20.85 -12.26
N ASP E 191 -2.51 -19.86 -11.38
CA ASP E 191 -3.73 -19.27 -10.85
C ASP E 191 -4.46 -18.47 -11.94
N VAL E 192 -5.76 -18.33 -11.74
CA VAL E 192 -6.62 -17.57 -12.64
C VAL E 192 -6.83 -16.18 -12.05
N MET E 193 -6.92 -15.16 -12.90
CA MET E 193 -6.97 -13.79 -12.41
C MET E 193 -8.25 -13.03 -12.75
N SER E 194 -8.96 -13.39 -13.81
CA SER E 194 -10.11 -12.59 -14.19
C SER E 194 -11.07 -13.37 -15.07
N LEU E 195 -12.26 -12.81 -15.27
CA LEU E 195 -13.31 -13.38 -16.10
C LEU E 195 -14.11 -12.26 -16.76
N SER E 196 -14.84 -12.61 -17.82
CA SER E 196 -15.76 -11.67 -18.43
C SER E 196 -16.81 -12.44 -19.22
N LEU E 197 -18.07 -12.04 -19.06
CA LEU E 197 -19.19 -12.75 -19.66
C LEU E 197 -19.62 -12.11 -20.96
N ALA E 198 -20.11 -12.95 -21.87
CA ALA E 198 -20.50 -12.47 -23.18
C ALA E 198 -21.78 -11.67 -23.09
N PRO E 199 -22.02 -10.78 -24.05
CA PRO E 199 -23.32 -10.09 -24.10
C PRO E 199 -24.51 -11.03 -24.20
N ASP E 200 -24.38 -12.17 -24.90
CA ASP E 200 -25.46 -13.13 -24.99
C ASP E 200 -25.41 -14.19 -23.89
N THR E 201 -24.35 -14.22 -23.10
CA THR E 201 -24.22 -15.09 -21.92
C THR E 201 -24.29 -16.57 -22.29
N ARG E 202 -23.38 -17.00 -23.16
CA ARG E 202 -23.21 -18.42 -23.45
C ARG E 202 -21.77 -18.89 -23.45
N LEU E 203 -20.80 -17.98 -23.38
CA LEU E 203 -19.39 -18.31 -23.26
C LEU E 203 -18.73 -17.42 -22.22
N PHE E 204 -17.46 -17.70 -21.91
CA PHE E 204 -16.67 -16.74 -21.14
C PHE E 204 -15.17 -17.00 -21.29
N VAL E 205 -14.38 -15.95 -21.05
CA VAL E 205 -12.93 -15.98 -21.24
C VAL E 205 -12.24 -15.93 -19.88
N SER E 206 -10.99 -16.41 -19.87
CA SER E 206 -10.22 -16.49 -18.63
C SER E 206 -8.74 -16.28 -18.92
N GLY E 207 -8.05 -15.60 -18.00
CA GLY E 207 -6.63 -15.37 -18.09
C GLY E 207 -5.92 -15.88 -16.85
N ALA E 208 -4.76 -16.50 -17.03
CA ALA E 208 -4.10 -17.16 -15.91
C ALA E 208 -2.69 -16.64 -15.66
N CYS E 209 -2.20 -16.88 -14.44
CA CYS E 209 -0.85 -16.41 -14.07
C CYS E 209 0.01 -17.35 -14.91
N ASP E 210 0.12 -16.97 -16.16
CA ASP E 210 0.97 -17.54 -17.18
C ASP E 210 0.74 -16.68 -18.41
N ALA E 211 1.29 -17.08 -19.55
CA ALA E 211 0.99 -16.37 -20.79
C ALA E 211 -0.16 -17.07 -21.51
N SER E 212 -1.27 -17.26 -20.80
CA SER E 212 -2.32 -18.13 -21.31
C SER E 212 -3.69 -17.51 -21.06
N ALA E 213 -4.48 -17.52 -22.13
CA ALA E 213 -5.89 -17.14 -22.07
C ALA E 213 -6.70 -18.22 -22.77
N LYS E 214 -7.94 -18.43 -22.30
CA LYS E 214 -8.78 -19.50 -22.84
C LYS E 214 -10.23 -19.05 -22.95
N LEU E 215 -10.95 -19.71 -23.86
CA LEU E 215 -12.38 -19.51 -24.05
C LEU E 215 -13.14 -20.77 -23.66
N TRP E 216 -14.25 -20.62 -22.93
CA TRP E 216 -15.01 -21.73 -22.39
C TRP E 216 -16.48 -21.67 -22.80
N ASP E 217 -17.02 -22.84 -23.12
CA ASP E 217 -18.45 -23.05 -23.37
C ASP E 217 -19.09 -23.53 -22.08
N VAL E 218 -20.14 -22.84 -21.65
CA VAL E 218 -20.73 -23.12 -20.33
C VAL E 218 -21.47 -24.45 -20.36
N ARG E 219 -22.32 -24.66 -21.36
CA ARG E 219 -23.22 -25.81 -21.35
C ARG E 219 -22.48 -27.12 -21.55
N GLU E 220 -21.55 -27.18 -22.50
CA GLU E 220 -20.75 -28.40 -22.65
C GLU E 220 -19.77 -28.60 -21.51
N GLY E 221 -19.11 -27.53 -21.06
CA GLY E 221 -18.17 -27.64 -19.96
C GLY E 221 -16.72 -27.87 -20.36
N MET E 222 -16.33 -27.47 -21.57
CA MET E 222 -15.01 -27.78 -22.09
C MET E 222 -14.41 -26.56 -22.77
N CYS E 223 -13.09 -26.58 -22.91
CA CYS E 223 -12.35 -25.50 -23.56
C CYS E 223 -12.47 -25.62 -25.07
N ARG E 224 -12.38 -24.49 -25.77
CA ARG E 224 -12.43 -24.49 -27.22
C ARG E 224 -11.25 -23.81 -27.89
N GLN E 225 -10.68 -22.77 -27.29
CA GLN E 225 -9.55 -22.07 -27.87
C GLN E 225 -8.62 -21.58 -26.78
N THR E 226 -7.32 -21.63 -27.08
CA THR E 226 -6.29 -21.08 -26.20
C THR E 226 -5.45 -20.07 -26.98
N PHE E 227 -4.94 -19.07 -26.27
CA PHE E 227 -4.16 -17.99 -26.85
C PHE E 227 -2.93 -17.73 -25.98
N THR E 228 -1.80 -17.50 -26.63
CA THR E 228 -0.53 -17.21 -25.97
C THR E 228 0.06 -15.96 -26.58
N GLY E 229 1.11 -15.45 -25.95
CA GLY E 229 1.73 -14.23 -26.43
C GLY E 229 2.34 -13.29 -25.41
N HIS E 230 2.04 -13.45 -24.13
CA HIS E 230 2.65 -12.57 -23.16
C HIS E 230 3.95 -13.16 -22.61
N GLU E 231 4.60 -12.41 -21.73
CA GLU E 231 5.88 -12.80 -21.14
C GLU E 231 5.78 -13.11 -19.66
N SER E 232 4.82 -12.51 -18.97
CA SER E 232 4.65 -12.69 -17.54
C SER E 232 3.15 -12.78 -17.27
N ASP E 233 2.76 -12.61 -16.01
CA ASP E 233 1.39 -12.87 -15.59
C ASP E 233 0.39 -11.96 -16.27
N ILE E 234 -0.81 -12.48 -16.49
CA ILE E 234 -1.95 -11.70 -16.99
C ILE E 234 -2.77 -11.22 -15.81
N ASN E 235 -3.20 -9.96 -15.84
CA ASN E 235 -3.87 -9.32 -14.72
C ASN E 235 -5.31 -8.91 -14.99
N ALA E 236 -5.68 -8.64 -16.24
CA ALA E 236 -7.02 -8.20 -16.53
C ALA E 236 -7.45 -8.70 -17.90
N ILE E 237 -8.76 -8.74 -18.12
CA ILE E 237 -9.36 -9.22 -19.37
C ILE E 237 -10.81 -8.77 -19.40
N CYS E 238 -11.35 -8.56 -20.59
CA CYS E 238 -12.72 -8.13 -20.75
C CYS E 238 -13.17 -8.36 -22.18
N PHE E 239 -14.47 -8.27 -22.42
CA PHE E 239 -15.05 -8.43 -23.74
C PHE E 239 -15.26 -7.10 -24.45
N PHE E 240 -15.07 -7.13 -25.76
CA PHE E 240 -15.49 -6.08 -26.66
C PHE E 240 -17.01 -6.14 -26.81
N PRO E 241 -17.66 -5.03 -27.19
CA PRO E 241 -19.14 -5.02 -27.20
C PRO E 241 -19.82 -6.12 -28.01
N ASN E 242 -19.29 -6.50 -29.17
CA ASN E 242 -19.99 -7.46 -30.01
C ASN E 242 -19.73 -8.91 -29.61
N GLY E 243 -18.89 -9.16 -28.60
CA GLY E 243 -18.55 -10.51 -28.22
C GLY E 243 -17.62 -11.22 -29.17
N ASN E 244 -16.93 -10.49 -30.05
CA ASN E 244 -15.99 -11.07 -30.99
C ASN E 244 -14.55 -10.63 -30.76
N ALA E 245 -14.21 -10.16 -29.57
CA ALA E 245 -12.85 -9.74 -29.28
C ALA E 245 -12.65 -9.68 -27.78
N PHE E 246 -11.38 -9.57 -27.38
CA PHE E 246 -11.06 -9.26 -26.00
C PHE E 246 -9.67 -8.64 -25.92
N ALA E 247 -9.43 -7.90 -24.85
CA ALA E 247 -8.19 -7.16 -24.66
C ALA E 247 -7.59 -7.48 -23.31
N THR E 248 -6.29 -7.80 -23.31
CA THR E 248 -5.63 -8.30 -22.12
C THR E 248 -4.48 -7.39 -21.69
N GLY E 249 -4.28 -7.32 -20.37
CA GLY E 249 -3.18 -6.59 -19.81
C GLY E 249 -2.35 -7.49 -18.90
N SER E 250 -1.06 -7.19 -18.82
CA SER E 250 -0.11 -8.10 -18.17
C SER E 250 0.98 -7.37 -17.42
N ASP E 251 1.58 -8.08 -16.45
CA ASP E 251 2.55 -7.49 -15.53
C ASP E 251 3.91 -7.51 -16.24
N ASP E 252 3.91 -6.90 -17.42
CA ASP E 252 5.15 -6.65 -18.15
C ASP E 252 5.08 -5.36 -18.93
N ALA E 253 4.09 -4.49 -18.67
CA ALA E 253 3.85 -3.23 -19.36
C ALA E 253 3.40 -3.41 -20.81
N THR E 254 2.48 -4.32 -21.08
CA THR E 254 1.96 -4.51 -22.43
C THR E 254 0.48 -4.87 -22.40
N CYS E 255 -0.30 -4.27 -23.29
CA CYS E 255 -1.67 -4.69 -23.53
C CYS E 255 -1.79 -5.21 -24.95
N ARG E 256 -2.73 -6.11 -25.18
CA ARG E 256 -2.86 -6.70 -26.51
C ARG E 256 -4.32 -7.02 -26.81
N LEU E 257 -4.64 -7.17 -28.09
CA LEU E 257 -6.00 -7.45 -28.54
C LEU E 257 -6.04 -8.78 -29.26
N PHE E 258 -6.99 -9.63 -28.90
CA PHE E 258 -7.21 -10.93 -29.54
C PHE E 258 -8.61 -11.00 -30.15
N ASP E 259 -8.71 -11.71 -31.27
CA ASP E 259 -9.96 -12.00 -31.95
C ASP E 259 -10.14 -13.50 -32.03
N LEU E 260 -11.38 -13.97 -31.93
CA LEU E 260 -11.68 -15.39 -31.81
C LEU E 260 -11.97 -16.08 -33.13
N ARG E 261 -11.87 -15.36 -34.26
CA ARG E 261 -12.09 -15.97 -35.57
C ARG E 261 -10.83 -16.08 -36.41
N ALA E 262 -9.95 -15.08 -36.37
CA ALA E 262 -8.61 -15.23 -36.90
C ALA E 262 -7.71 -15.99 -35.95
N ASP E 263 -8.09 -16.09 -34.69
CA ASP E 263 -7.39 -16.91 -33.69
C ASP E 263 -5.92 -16.51 -33.55
N GLN E 264 -5.67 -15.21 -33.49
CA GLN E 264 -4.35 -14.67 -33.16
C GLN E 264 -4.49 -13.17 -32.93
N GLU E 265 -3.42 -12.59 -32.37
CA GLU E 265 -3.47 -11.19 -31.94
C GLU E 265 -3.43 -10.25 -33.14
N LEU E 266 -3.90 -9.02 -32.92
CA LEU E 266 -4.02 -8.03 -33.99
C LEU E 266 -3.33 -6.70 -33.68
N MET E 267 -3.28 -6.29 -32.41
CA MET E 267 -2.61 -5.04 -32.05
C MET E 267 -2.05 -5.16 -30.65
N THR E 268 -0.92 -4.49 -30.42
CA THR E 268 -0.26 -4.44 -29.12
C THR E 268 0.02 -3.00 -28.74
N TYR E 269 -0.40 -2.61 -27.54
CA TYR E 269 -0.28 -1.25 -27.04
C TYR E 269 0.80 -1.27 -25.97
N SER E 270 1.89 -0.54 -26.23
CA SER E 270 3.04 -0.46 -25.34
C SER E 270 3.83 0.79 -25.66
N HIS E 271 4.81 1.09 -24.81
CA HIS E 271 5.65 2.27 -24.96
C HIS E 271 7.01 1.94 -24.34
N ASP E 272 7.99 2.82 -24.57
CA ASP E 272 9.36 2.56 -24.15
C ASP E 272 9.68 3.06 -22.75
N ASN E 273 8.97 4.09 -22.27
CA ASN E 273 9.22 4.65 -20.95
C ASN E 273 8.31 4.07 -19.88
N ILE E 274 7.46 3.12 -20.24
CA ILE E 274 6.54 2.49 -19.30
C ILE E 274 7.19 1.20 -18.82
N ILE E 275 7.54 1.16 -17.54
CA ILE E 275 8.16 -0.03 -16.97
C ILE E 275 7.38 -0.54 -15.76
N CYS E 276 6.10 -0.23 -15.69
CA CYS E 276 5.22 -0.74 -14.66
C CYS E 276 4.02 -1.43 -15.31
N GLY E 277 3.46 -2.41 -14.61
CA GLY E 277 2.42 -3.25 -15.18
C GLY E 277 1.04 -2.64 -15.15
N ILE E 278 0.09 -3.38 -15.72
CA ILE E 278 -1.30 -2.98 -15.83
C ILE E 278 -2.09 -3.69 -14.74
N THR E 279 -3.06 -3.00 -14.14
CA THR E 279 -3.88 -3.58 -13.10
C THR E 279 -5.33 -3.84 -13.53
N SER E 280 -5.91 -2.99 -14.38
CA SER E 280 -7.32 -3.13 -14.75
C SER E 280 -7.53 -2.66 -16.18
N VAL E 281 -8.53 -3.23 -16.85
CA VAL E 281 -8.85 -2.89 -18.23
C VAL E 281 -10.37 -2.80 -18.39
N SER E 282 -10.84 -1.87 -19.20
CA SER E 282 -12.26 -1.72 -19.48
C SER E 282 -12.47 -0.95 -20.77
N PHE E 283 -13.44 -1.38 -21.57
CA PHE E 283 -13.76 -0.77 -22.86
C PHE E 283 -14.83 0.30 -22.74
N SER E 284 -14.96 1.09 -23.79
CA SER E 284 -15.99 2.11 -23.89
C SER E 284 -17.19 1.55 -24.64
N LYS E 285 -18.21 2.39 -24.82
CA LYS E 285 -19.46 1.92 -25.41
C LYS E 285 -19.28 1.56 -26.87
N SER E 286 -18.62 2.42 -27.63
CA SER E 286 -18.50 2.19 -29.07
C SER E 286 -17.27 1.37 -29.45
N GLY E 287 -16.39 1.08 -28.50
CA GLY E 287 -15.18 0.37 -28.79
C GLY E 287 -14.01 1.24 -29.18
N ARG E 288 -14.16 2.56 -29.20
CA ARG E 288 -13.08 3.43 -29.64
C ARG E 288 -12.14 3.81 -28.50
N LEU E 289 -12.58 3.71 -27.25
CA LEU E 289 -11.68 3.96 -26.14
C LEU E 289 -11.41 2.68 -25.35
N LEU E 290 -10.16 2.52 -24.94
CA LEU E 290 -9.71 1.44 -24.06
C LEU E 290 -9.02 2.05 -22.87
N LEU E 291 -9.51 1.79 -21.68
CA LEU E 291 -9.04 2.45 -20.47
C LEU E 291 -8.23 1.45 -19.65
N ALA E 292 -7.06 1.87 -19.17
CA ALA E 292 -6.18 0.97 -18.44
C ALA E 292 -5.64 1.67 -17.20
N GLY E 293 -5.43 0.90 -16.15
CA GLY E 293 -4.86 1.41 -14.92
C GLY E 293 -3.43 0.93 -14.72
N TYR E 294 -2.57 1.85 -14.27
CA TYR E 294 -1.17 1.54 -14.01
C TYR E 294 -0.79 1.98 -12.61
N ASP E 295 0.05 1.17 -11.96
CA ASP E 295 0.58 1.50 -10.64
C ASP E 295 1.74 2.50 -10.74
N ASP E 296 1.44 3.66 -11.32
CA ASP E 296 2.44 4.61 -11.73
C ASP E 296 2.37 6.04 -11.21
N PHE E 297 1.23 6.59 -10.76
CA PHE E 297 -0.03 5.94 -10.41
C PHE E 297 -1.14 6.50 -11.31
N ASN E 298 -1.31 6.01 -12.54
CA ASN E 298 -2.09 6.78 -13.50
C ASN E 298 -3.18 5.92 -14.13
N CYS E 299 -4.05 6.56 -14.89
CA CYS E 299 -4.92 5.87 -15.81
C CYS E 299 -4.65 6.39 -17.21
N ASN E 300 -4.58 5.48 -18.18
CA ASN E 300 -4.31 5.82 -19.56
C ASN E 300 -5.49 5.47 -20.43
N VAL E 301 -5.78 6.34 -21.39
CA VAL E 301 -6.92 6.20 -22.28
C VAL E 301 -6.37 6.05 -23.69
N TRP E 302 -6.42 4.83 -24.21
CA TRP E 302 -5.86 4.47 -25.50
C TRP E 302 -6.94 4.44 -26.57
N ASP E 303 -6.59 4.82 -27.78
CA ASP E 303 -7.41 4.66 -28.96
C ASP E 303 -7.20 3.24 -29.46
N ALA E 304 -8.29 2.48 -29.61
CA ALA E 304 -8.16 1.06 -29.85
C ALA E 304 -7.61 0.75 -31.23
N LEU E 305 -7.92 1.57 -32.23
CA LEU E 305 -7.59 1.25 -33.62
C LEU E 305 -6.31 1.90 -34.11
N LYS E 306 -5.55 2.57 -33.23
CA LYS E 306 -4.36 3.29 -33.64
C LYS E 306 -3.16 3.03 -32.75
N ALA E 307 -3.34 2.52 -31.54
CA ALA E 307 -2.24 2.22 -30.61
C ALA E 307 -1.45 3.46 -30.24
N ASP E 308 -2.16 4.51 -29.83
CA ASP E 308 -1.57 5.73 -29.29
C ASP E 308 -2.39 6.20 -28.11
N ARG E 309 -1.73 6.88 -27.17
CA ARG E 309 -2.41 7.39 -25.99
C ARG E 309 -3.18 8.63 -26.35
N ALA E 310 -4.50 8.54 -26.25
CA ALA E 310 -5.36 9.69 -26.48
C ALA E 310 -5.52 10.55 -25.24
N GLY E 311 -5.34 9.99 -24.05
CA GLY E 311 -5.50 10.83 -22.87
C GLY E 311 -4.91 10.21 -21.63
N VAL E 312 -4.80 11.04 -20.61
CA VAL E 312 -4.25 10.67 -19.32
C VAL E 312 -5.19 11.14 -18.23
N LEU E 313 -5.35 10.33 -17.20
CA LEU E 313 -6.08 10.74 -16.00
C LEU E 313 -5.19 10.57 -14.78
N ALA E 314 -5.09 11.65 -14.01
CA ALA E 314 -4.25 11.70 -12.82
C ALA E 314 -5.02 12.39 -11.70
N GLY E 315 -4.52 12.22 -10.49
CA GLY E 315 -5.22 12.71 -9.33
C GLY E 315 -5.34 11.66 -8.26
N HIS E 316 -4.53 10.62 -8.37
CA HIS E 316 -4.44 9.60 -7.34
C HIS E 316 -3.04 9.60 -6.75
N ASP E 317 -2.95 9.25 -5.48
CA ASP E 317 -1.70 9.25 -4.74
C ASP E 317 -1.13 7.85 -4.52
N ASN E 318 -1.79 6.82 -5.02
CA ASN E 318 -1.31 5.46 -4.83
C ASN E 318 -1.84 4.60 -5.98
N ARG E 319 -1.56 3.31 -5.88
CA ARG E 319 -1.81 2.37 -6.97
C ARG E 319 -3.30 2.31 -7.33
N VAL E 320 -3.59 2.37 -8.63
CA VAL E 320 -4.95 2.21 -9.12
C VAL E 320 -5.27 0.73 -9.19
N SER E 321 -6.42 0.34 -8.64
CA SER E 321 -6.80 -1.06 -8.61
C SER E 321 -8.09 -1.40 -9.33
N CYS E 322 -9.03 -0.47 -9.51
CA CYS E 322 -10.28 -0.83 -10.16
C CYS E 322 -10.77 0.30 -11.05
N LEU E 323 -11.47 -0.08 -12.12
CA LEU E 323 -11.89 0.84 -13.16
C LEU E 323 -13.18 0.31 -13.80
N GLY E 324 -14.12 1.21 -14.11
CA GLY E 324 -15.35 0.78 -14.76
C GLY E 324 -16.05 1.88 -15.53
N VAL E 325 -16.88 1.46 -16.50
CA VAL E 325 -17.71 2.34 -17.29
C VAL E 325 -19.16 1.87 -17.21
N THR E 326 -20.07 2.71 -17.68
CA THR E 326 -21.50 2.46 -17.51
C THR E 326 -22.11 1.80 -18.75
N ASP E 327 -23.38 1.39 -18.60
CA ASP E 327 -24.09 0.78 -19.71
C ASP E 327 -24.59 1.80 -20.72
N ASP E 328 -24.90 3.02 -20.27
CA ASP E 328 -25.25 4.10 -21.16
C ASP E 328 -24.06 4.99 -21.52
N GLY E 329 -22.88 4.72 -20.96
CA GLY E 329 -21.67 5.42 -21.33
C GLY E 329 -21.56 6.85 -20.87
N MET E 330 -21.99 7.17 -19.65
CA MET E 330 -22.01 8.56 -19.21
C MET E 330 -21.00 8.86 -18.10
N ALA E 331 -20.19 7.91 -17.69
CA ALA E 331 -19.23 8.17 -16.61
C ALA E 331 -18.12 7.14 -16.63
N VAL E 332 -17.04 7.45 -15.93
CA VAL E 332 -15.97 6.49 -15.66
C VAL E 332 -15.65 6.55 -14.17
N ALA E 333 -15.58 5.40 -13.53
CA ALA E 333 -15.32 5.34 -12.10
C ALA E 333 -13.99 4.66 -11.84
N THR E 334 -13.19 5.28 -10.96
CA THR E 334 -11.84 4.84 -10.68
C THR E 334 -11.61 4.71 -9.18
N GLY E 335 -10.98 3.62 -8.77
CA GLY E 335 -10.67 3.40 -7.38
C GLY E 335 -9.27 2.88 -7.13
N SER E 336 -8.58 3.45 -6.15
CA SER E 336 -7.16 3.23 -5.94
C SER E 336 -6.87 3.00 -4.47
N TRP E 337 -5.61 2.67 -4.19
CA TRP E 337 -5.16 2.31 -2.85
C TRP E 337 -5.08 3.48 -1.88
N ASP E 338 -5.56 4.65 -2.26
CA ASP E 338 -5.58 5.80 -1.34
C ASP E 338 -6.91 6.00 -0.65
N SER E 339 -7.86 5.07 -0.83
CA SER E 339 -9.18 5.04 -0.19
C SER E 339 -10.17 6.04 -0.78
N PHE E 340 -10.03 6.42 -2.05
CA PHE E 340 -10.98 7.33 -2.67
C PHE E 340 -11.48 6.77 -4.00
N LEU E 341 -12.71 7.12 -4.34
CA LEU E 341 -13.29 6.85 -5.65
C LEU E 341 -13.54 8.15 -6.37
N LYS E 342 -13.34 8.15 -7.68
CA LYS E 342 -13.52 9.36 -8.47
C LYS E 342 -14.34 9.06 -9.71
N ILE E 343 -15.27 9.96 -10.04
CA ILE E 343 -16.16 9.80 -11.19
C ILE E 343 -15.84 10.89 -12.20
N TRP E 344 -15.60 10.47 -13.44
CA TRP E 344 -15.07 11.31 -14.51
C TRP E 344 -16.10 11.41 -15.62
N ASN E 345 -16.21 12.60 -16.19
CA ASN E 345 -17.09 12.84 -17.32
C ASN E 345 -16.71 14.14 -18.02
#